data_6RV9
#
_entry.id   6RV9
#
_cell.length_a   84.481
_cell.length_b   84.481
_cell.length_c   261.732
_cell.angle_alpha   90.000
_cell.angle_beta   90.000
_cell.angle_gamma   90.000
#
_symmetry.space_group_name_H-M   'P 41 21 2'
#
loop_
_entity.id
_entity.type
_entity.pdbx_description
1 polymer '4-O-methyl-glucuronoyl methylesterase'
2 branched '4-O-methyl-alpha-D-glucopyranuronic acid-(1-2)-[beta-D-xylopyranose-(1-4)]beta-D-xylopyranose-(1-4)-beta-D-xylopyranose-(1-4)-Xylitol'
3 non-polymer 2-acetamido-2-deoxy-beta-D-glucopyranose
4 non-polymer 1,2-ETHANEDIOL
5 water water
#
_entity_poly.entity_id   1
_entity_poly.type   'polypeptide(L)'
_entity_poly.pdbx_seq_one_letter_code
;EAEAEFGACGAIASTVPNYNNAKLPDPFTFANGTALRTKADWSCRRAEISALIQNYEAGTLPPKPPVVTASFSKSGNTGT
LAITAGLSNSQTIKFSPTISYPSGTPPANGWPLIIAYEGGSIPIPAGVATLTYSNSDMAQQNSASSRGQGLFYQLYGSTH
SASAMTAWVWGVSRIIDALEMTPTAQINTQRIGVTGCARDGKGALMAGAFEERIALTIPQESGSGGDACWRLSKYEIDNG
NQVQDAVEIVGENVWFSTNFNNYVQKLPTVPEDHHLLAAMVAPRAMISFENTDYLWLSPMSSFGCMTAAHTVWQGLGIAD
SHGFAQVGGHAHCAWPSSLTPQLNAFINRFLLDQSATTNVFTTNNQFGKVQWNAANWITWTTPTLTENLYFQGVDHHHHH
H
;
_entity_poly.pdbx_strand_id   A,B
#
loop_
_chem_comp.id
_chem_comp.type
_chem_comp.name
_chem_comp.formula
EDO non-polymer 1,2-ETHANEDIOL 'C2 H6 O2'
GCV D-saccharide, alpha linking '4-O-methyl-alpha-D-glucopyranuronic acid' 'C7 H12 O7'
NAG D-saccharide, beta linking 2-acetamido-2-deoxy-beta-D-glucopyranose 'C8 H15 N O6'
XYL D-saccharide Xylitol 'C5 H12 O5'
XYP D-saccharide, beta linking beta-D-xylopyranose 'C5 H10 O5'
#
# COMPACT_ATOMS: atom_id res chain seq x y z
N GLY A 7 25.55 22.13 -20.62
CA GLY A 7 24.96 21.44 -19.48
C GLY A 7 25.97 20.65 -18.66
N ALA A 8 25.49 20.05 -17.57
CA ALA A 8 26.33 19.17 -16.76
C ALA A 8 26.67 17.88 -17.47
N CYS A 9 26.00 17.56 -18.57
CA CYS A 9 26.31 16.38 -19.36
C CYS A 9 27.13 16.72 -20.61
N GLY A 10 27.53 17.97 -20.76
CA GLY A 10 28.29 18.33 -21.93
C GLY A 10 27.43 18.21 -23.18
N ALA A 11 28.12 18.16 -24.31
CA ALA A 11 27.46 18.11 -25.61
C ALA A 11 26.85 16.72 -25.82
N ILE A 12 25.52 16.66 -25.84
CA ILE A 12 24.83 15.38 -25.98
C ILE A 12 24.96 14.90 -27.42
N ALA A 13 25.39 13.65 -27.58
CA ALA A 13 25.45 13.01 -28.90
C ALA A 13 24.05 12.63 -29.36
N SER A 14 23.70 12.98 -30.60
CA SER A 14 22.46 12.53 -31.21
C SER A 14 22.68 11.56 -32.36
N THR A 15 23.91 11.40 -32.84
CA THR A 15 24.24 10.40 -33.84
C THR A 15 25.55 9.72 -33.46
N VAL A 16 25.72 8.50 -33.96
CA VAL A 16 27.00 7.79 -33.88
C VAL A 16 27.28 7.22 -35.26
N PRO A 17 27.91 7.99 -36.15
CA PRO A 17 27.98 7.58 -37.57
C PRO A 17 28.75 6.29 -37.81
N ASN A 18 29.74 5.97 -36.98
CA ASN A 18 30.58 4.80 -37.20
C ASN A 18 30.03 3.54 -36.54
N TYR A 19 28.88 3.61 -35.88
CA TYR A 19 28.43 2.51 -35.04
C TYR A 19 28.09 1.27 -35.87
N ASN A 20 28.51 0.11 -35.37
CA ASN A 20 28.21 -1.14 -36.07
C ASN A 20 28.36 -2.26 -35.05
N ASN A 21 27.25 -2.71 -34.50
CA ASN A 21 27.26 -3.69 -33.43
C ASN A 21 26.04 -4.58 -33.64
N ALA A 22 26.28 -5.84 -34.00
CA ALA A 22 25.17 -6.77 -34.20
C ALA A 22 24.53 -7.22 -32.88
N LYS A 23 25.22 -7.08 -31.75
CA LYS A 23 24.65 -7.42 -30.46
C LYS A 23 24.02 -6.16 -29.83
N LEU A 24 23.54 -6.27 -28.60
CA LEU A 24 22.82 -5.14 -27.98
C LEU A 24 23.78 -4.03 -27.57
N PRO A 25 23.49 -2.78 -27.91
CA PRO A 25 24.32 -1.67 -27.43
C PRO A 25 24.49 -1.68 -25.91
N ASP A 26 25.68 -1.24 -25.47
CA ASP A 26 26.04 -1.30 -24.06
C ASP A 26 25.44 -0.11 -23.32
N PRO A 27 24.51 -0.32 -22.38
CA PRO A 27 23.96 0.81 -21.62
C PRO A 27 25.01 1.61 -20.90
N PHE A 28 26.12 0.97 -20.52
CA PHE A 28 27.04 1.55 -19.56
C PHE A 28 28.24 2.23 -20.20
N THR A 29 28.20 2.49 -21.50
CA THR A 29 29.24 3.24 -22.19
C THR A 29 28.58 4.32 -23.03
N PHE A 30 28.99 5.58 -22.81
CA PHE A 30 28.55 6.70 -23.62
C PHE A 30 29.03 6.54 -25.06
N ALA A 31 28.38 7.30 -25.96
CA ALA A 31 28.80 7.28 -27.35
C ALA A 31 30.29 7.61 -27.50
N ASN A 32 30.81 8.50 -26.65
CA ASN A 32 32.20 8.92 -26.76
C ASN A 32 33.19 7.93 -26.14
N GLY A 33 32.71 6.81 -25.65
CA GLY A 33 33.59 5.79 -25.10
C GLY A 33 33.81 5.90 -23.61
N THR A 34 33.27 6.94 -22.96
CA THR A 34 33.42 7.08 -21.52
C THR A 34 32.56 6.03 -20.82
N ALA A 35 33.11 5.35 -19.82
CA ALA A 35 32.33 4.38 -19.07
C ALA A 35 31.50 5.06 -17.98
N LEU A 36 30.25 4.63 -17.83
CA LEU A 36 29.47 5.06 -16.67
C LEU A 36 30.04 4.49 -15.39
N ARG A 37 30.09 5.32 -14.36
CA ARG A 37 30.63 4.93 -13.08
C ARG A 37 29.74 5.27 -11.91
N THR A 38 29.02 6.38 -11.98
CA THR A 38 28.19 6.86 -10.87
C THR A 38 26.72 6.75 -11.21
N LYS A 39 25.87 6.75 -10.18
CA LYS A 39 24.42 6.84 -10.43
C LYS A 39 24.08 8.14 -11.15
N ALA A 40 24.80 9.22 -10.85
CA ALA A 40 24.57 10.47 -11.56
C ALA A 40 24.90 10.34 -13.04
N ASP A 41 25.92 9.54 -13.39
CA ASP A 41 26.22 9.28 -14.79
C ASP A 41 25.00 8.77 -15.56
N TRP A 42 24.11 8.03 -14.89
CA TRP A 42 22.95 7.50 -15.60
C TRP A 42 22.05 8.63 -16.11
N SER A 43 21.92 9.73 -15.38
CA SER A 43 21.08 10.83 -15.86
C SER A 43 21.61 11.35 -17.19
N CYS A 44 22.93 11.53 -17.29
CA CYS A 44 23.50 11.99 -18.55
C CYS A 44 23.35 10.94 -19.65
N ARG A 45 23.55 9.66 -19.30
CA ARG A 45 23.43 8.62 -20.32
C ARG A 45 21.99 8.51 -20.81
N ARG A 46 21.03 8.64 -19.90
CA ARG A 46 19.62 8.65 -20.33
C ARG A 46 19.34 9.81 -21.28
N ALA A 47 19.92 10.99 -21.01
CA ALA A 47 19.73 12.13 -21.91
C ALA A 47 20.31 11.85 -23.28
N GLU A 48 21.46 11.19 -23.33
CA GLU A 48 22.04 10.80 -24.61
C GLU A 48 21.20 9.75 -25.31
N ILE A 49 20.72 8.75 -24.58
CA ILE A 49 19.83 7.74 -25.17
C ILE A 49 18.60 8.42 -25.75
N SER A 50 18.03 9.39 -25.02
CA SER A 50 16.86 10.10 -25.54
C SER A 50 17.16 10.74 -26.89
N ALA A 51 18.31 11.40 -27.00
CA ALA A 51 18.71 12.05 -28.25
C ALA A 51 18.91 11.03 -29.37
N LEU A 52 19.51 9.88 -29.03
CA LEU A 52 19.75 8.86 -30.04
C LEU A 52 18.45 8.24 -30.54
N ILE A 53 17.53 7.96 -29.61
CA ILE A 53 16.25 7.38 -30.01
C ILE A 53 15.47 8.36 -30.87
N GLN A 54 15.42 9.64 -30.48
CA GLN A 54 14.79 10.65 -31.33
C GLN A 54 15.43 10.68 -32.72
N ASN A 55 16.75 10.64 -32.78
CA ASN A 55 17.41 10.78 -34.08
C ASN A 55 17.11 9.60 -34.99
N TYR A 56 17.18 8.38 -34.45
CA TYR A 56 17.13 7.21 -35.34
C TYR A 56 15.73 6.67 -35.54
N GLU A 57 14.84 6.76 -34.55
CA GLU A 57 13.56 6.10 -34.71
C GLU A 57 12.34 6.87 -34.25
N ALA A 58 12.46 7.89 -33.39
CA ALA A 58 11.26 8.48 -32.81
C ALA A 58 10.91 9.86 -33.34
N GLY A 59 11.82 10.55 -34.02
CA GLY A 59 11.58 11.93 -34.41
C GLY A 59 11.74 12.85 -33.22
N THR A 60 11.60 14.15 -33.50
CA THR A 60 11.85 15.18 -32.49
C THR A 60 10.70 15.30 -31.49
N LEU A 61 11.03 15.22 -30.19
CA LEU A 61 10.06 15.47 -29.13
C LEU A 61 10.10 16.95 -28.75
N PRO A 62 9.11 17.76 -29.11
CA PRO A 62 9.18 19.18 -28.79
C PRO A 62 9.15 19.39 -27.29
N PRO A 63 9.74 20.47 -26.79
CA PRO A 63 9.60 20.83 -25.38
C PRO A 63 8.23 21.43 -25.11
N LYS A 64 7.97 21.67 -23.82
CA LYS A 64 6.76 22.34 -23.42
C LYS A 64 6.57 23.63 -24.21
N PRO A 65 5.40 23.86 -24.81
CA PRO A 65 5.18 25.08 -25.59
C PRO A 65 4.95 26.28 -24.68
N PRO A 66 5.01 27.50 -25.20
CA PRO A 66 4.86 28.68 -24.32
C PRO A 66 3.47 28.84 -23.75
N VAL A 67 2.43 28.32 -24.38
CA VAL A 67 1.07 28.42 -23.85
C VAL A 67 0.61 27.01 -23.51
N VAL A 68 0.24 26.81 -22.24
CA VAL A 68 -0.47 25.61 -21.77
C VAL A 68 -1.47 26.11 -20.73
N THR A 69 -2.76 25.94 -21.00
CA THR A 69 -3.79 26.32 -20.05
C THR A 69 -4.72 25.14 -19.82
N ALA A 70 -5.44 25.20 -18.70
CA ALA A 70 -6.33 24.09 -18.33
C ALA A 70 -7.48 24.60 -17.49
N SER A 71 -8.68 24.11 -17.78
CA SER A 71 -9.84 24.28 -16.93
C SER A 71 -10.42 22.91 -16.60
N PHE A 72 -11.12 22.84 -15.48
CA PHE A 72 -11.62 21.58 -14.96
C PHE A 72 -13.09 21.73 -14.57
N SER A 73 -13.88 20.70 -14.86
CA SER A 73 -15.25 20.61 -14.39
C SER A 73 -15.55 19.15 -14.10
N LYS A 74 -16.52 18.93 -13.23
CA LYS A 74 -16.81 17.57 -12.76
C LYS A 74 -18.31 17.35 -12.74
N SER A 75 -18.73 16.19 -13.23
CA SER A 75 -20.13 15.77 -13.23
C SER A 75 -20.18 14.37 -12.66
N GLY A 76 -20.78 14.23 -11.48
CA GLY A 76 -20.74 12.94 -10.80
C GLY A 76 -19.32 12.60 -10.41
N ASN A 77 -18.87 11.43 -10.81
CA ASN A 77 -17.50 11.01 -10.56
C ASN A 77 -16.63 11.10 -11.81
N THR A 78 -16.99 11.96 -12.77
CA THR A 78 -16.24 12.10 -14.01
C THR A 78 -15.80 13.55 -14.15
N GLY A 79 -14.48 13.77 -14.13
CA GLY A 79 -13.94 15.08 -14.41
C GLY A 79 -13.58 15.22 -15.88
N THR A 80 -13.65 16.44 -16.37
CA THR A 80 -13.19 16.77 -17.71
C THR A 80 -12.12 17.86 -17.60
N LEU A 81 -10.92 17.56 -18.09
CA LEU A 81 -9.76 18.45 -18.00
C LEU A 81 -9.52 19.05 -19.38
N ALA A 82 -9.97 20.30 -19.56
CA ALA A 82 -9.93 20.98 -20.85
C ALA A 82 -8.60 21.70 -21.00
N ILE A 83 -7.76 21.23 -21.92
CA ILE A 83 -6.39 21.68 -22.09
C ILE A 83 -6.27 22.47 -23.38
N THR A 84 -5.52 23.57 -23.32
CA THR A 84 -5.10 24.32 -24.51
C THR A 84 -3.58 24.36 -24.56
N ALA A 85 -3.02 24.13 -25.74
CA ALA A 85 -1.58 24.26 -25.94
C ALA A 85 -1.34 25.14 -27.15
N GLY A 86 -0.36 26.04 -27.07
CA GLY A 86 -0.13 27.01 -28.13
C GLY A 86 1.33 27.38 -28.25
N LEU A 87 1.74 27.73 -29.47
CA LEU A 87 3.10 28.12 -29.78
C LEU A 87 3.22 29.63 -29.80
N SER A 88 4.47 30.11 -29.92
CA SER A 88 4.67 31.55 -29.92
C SER A 88 4.14 32.21 -31.18
N ASN A 89 3.83 31.45 -32.23
CA ASN A 89 3.26 32.01 -33.45
C ASN A 89 1.74 32.08 -33.41
N SER A 90 1.15 31.85 -32.23
CA SER A 90 -0.28 31.95 -31.94
C SER A 90 -1.05 30.66 -32.27
N GLN A 91 -0.44 29.70 -32.97
CA GLN A 91 -1.14 28.45 -33.26
C GLN A 91 -1.51 27.75 -31.95
N THR A 92 -2.73 27.23 -31.87
CA THR A 92 -3.15 26.50 -30.69
C THR A 92 -3.98 25.28 -31.07
N ILE A 93 -3.99 24.30 -30.17
CA ILE A 93 -4.87 23.14 -30.24
C ILE A 93 -5.50 22.95 -28.87
N LYS A 94 -6.55 22.14 -28.81
CA LYS A 94 -7.26 21.89 -27.57
C LYS A 94 -7.66 20.42 -27.52
N PHE A 95 -7.66 19.87 -26.31
CA PHE A 95 -8.13 18.51 -26.11
C PHE A 95 -8.55 18.35 -24.65
N SER A 96 -9.45 17.39 -24.39
CA SER A 96 -10.17 17.31 -23.12
C SER A 96 -10.27 15.88 -22.62
N PRO A 97 -9.20 15.35 -22.03
CA PRO A 97 -9.29 14.03 -21.40
C PRO A 97 -10.27 14.05 -20.23
N THR A 98 -10.83 12.88 -19.95
CA THR A 98 -11.73 12.72 -18.81
C THR A 98 -11.04 11.88 -17.74
N ILE A 99 -11.49 12.06 -16.50
CA ILE A 99 -10.96 11.34 -15.35
C ILE A 99 -12.12 10.70 -14.62
N SER A 100 -11.99 9.41 -14.34
CA SER A 100 -12.97 8.68 -13.55
C SER A 100 -12.44 8.58 -12.11
N TYR A 101 -13.25 9.09 -11.12
CA TYR A 101 -12.74 9.18 -9.76
C TYR A 101 -13.32 8.10 -8.87
N PRO A 102 -12.56 7.65 -7.88
CA PRO A 102 -13.18 6.91 -6.78
C PRO A 102 -14.09 7.84 -6.00
N SER A 103 -15.09 7.26 -5.35
CA SER A 103 -16.07 8.05 -4.62
C SER A 103 -15.52 8.44 -3.25
N GLY A 104 -16.02 9.56 -2.75
CA GLY A 104 -15.76 9.97 -1.38
C GLY A 104 -14.60 10.92 -1.23
N THR A 105 -14.15 11.03 0.02
CA THR A 105 -13.05 11.94 0.34
C THR A 105 -11.75 11.42 -0.25
N PRO A 106 -10.97 12.25 -0.92
CA PRO A 106 -9.69 11.80 -1.45
C PRO A 106 -8.62 11.86 -0.39
N PRO A 107 -7.48 11.20 -0.62
CA PRO A 107 -6.34 11.38 0.28
C PRO A 107 -5.92 12.85 0.35
N ALA A 108 -5.23 13.17 1.44
CA ALA A 108 -4.76 14.53 1.67
C ALA A 108 -4.15 15.16 0.44
N ASN A 109 -3.26 14.43 -0.24
CA ASN A 109 -2.54 14.97 -1.37
C ASN A 109 -3.22 14.68 -2.71
N GLY A 110 -4.46 14.22 -2.69
CA GLY A 110 -5.20 13.91 -3.90
C GLY A 110 -5.13 12.43 -4.24
N TRP A 111 -5.87 12.06 -5.29
CA TRP A 111 -5.90 10.66 -5.76
C TRP A 111 -4.65 10.35 -6.56
N PRO A 112 -4.04 9.18 -6.36
CA PRO A 112 -3.15 8.64 -7.39
C PRO A 112 -3.92 8.44 -8.68
N LEU A 113 -3.19 8.44 -9.80
CA LEU A 113 -3.80 8.47 -11.11
C LEU A 113 -3.01 7.56 -12.05
N ILE A 114 -3.73 6.80 -12.87
CA ILE A 114 -3.12 6.14 -14.02
C ILE A 114 -3.69 6.77 -15.28
N ILE A 115 -2.79 7.26 -16.14
CA ILE A 115 -3.13 7.73 -17.48
C ILE A 115 -3.21 6.51 -18.37
N ALA A 116 -4.41 6.17 -18.80
CA ALA A 116 -4.67 4.95 -19.55
C ALA A 116 -4.93 5.31 -21.01
N TYR A 117 -4.01 4.91 -21.89
CA TYR A 117 -4.20 5.12 -23.32
C TYR A 117 -5.49 4.43 -23.76
N GLU A 118 -6.45 5.23 -24.23
CA GLU A 118 -7.74 4.73 -24.69
C GLU A 118 -8.36 3.77 -23.67
N GLY A 119 -8.18 4.09 -22.40
CA GLY A 119 -8.77 3.34 -21.32
C GLY A 119 -7.95 2.17 -20.81
N GLY A 120 -6.97 1.72 -21.58
CA GLY A 120 -6.11 0.63 -21.12
C GLY A 120 -6.83 -0.70 -21.13
N SER A 121 -6.09 -1.74 -20.78
CA SER A 121 -6.66 -3.09 -20.68
C SER A 121 -6.24 -3.79 -19.39
N ILE A 122 -5.86 -3.04 -18.37
CA ILE A 122 -5.56 -3.62 -17.06
C ILE A 122 -6.66 -3.28 -16.06
N PRO A 123 -6.88 -4.11 -15.05
CA PRO A 123 -7.79 -3.71 -13.96
C PRO A 123 -7.10 -2.70 -13.08
N ILE A 124 -7.79 -1.60 -12.81
CA ILE A 124 -7.25 -0.52 -12.01
C ILE A 124 -7.94 -0.58 -10.64
N PRO A 125 -7.18 -0.62 -9.55
CA PRO A 125 -7.80 -0.84 -8.24
C PRO A 125 -8.60 0.36 -7.77
N ALA A 126 -9.30 0.15 -6.68
CA ALA A 126 -10.39 1.04 -6.28
C ALA A 126 -9.91 2.42 -5.85
N GLY A 127 -8.72 2.51 -5.28
CA GLY A 127 -8.25 3.79 -4.80
C GLY A 127 -7.44 4.60 -5.79
N VAL A 128 -7.47 4.24 -7.07
CA VAL A 128 -6.70 4.92 -8.10
C VAL A 128 -7.67 5.51 -9.12
N ALA A 129 -7.48 6.79 -9.45
CA ALA A 129 -8.27 7.40 -10.51
C ALA A 129 -7.74 6.99 -11.88
N THR A 130 -8.62 7.01 -12.88
CA THR A 130 -8.24 6.67 -14.25
C THR A 130 -8.49 7.84 -15.18
N LEU A 131 -7.45 8.32 -15.85
CA LEU A 131 -7.61 9.30 -16.91
C LEU A 131 -7.57 8.58 -18.25
N THR A 132 -8.61 8.79 -19.07
CA THR A 132 -8.67 8.19 -20.39
C THR A 132 -8.08 9.16 -21.38
N TYR A 133 -6.95 8.78 -21.97
CA TYR A 133 -6.21 9.60 -22.93
C TYR A 133 -6.52 9.11 -24.34
N SER A 134 -7.16 9.95 -25.14
CA SER A 134 -7.48 9.58 -26.53
C SER A 134 -6.27 9.85 -27.41
N ASN A 135 -5.27 8.96 -27.31
CA ASN A 135 -4.00 9.22 -27.97
C ASN A 135 -4.15 9.21 -29.49
N SER A 136 -5.07 8.39 -30.03
CA SER A 136 -5.27 8.39 -31.47
C SER A 136 -5.72 9.74 -32.00
N ASP A 137 -6.39 10.54 -31.17
CA ASP A 137 -6.76 11.90 -31.59
C ASP A 137 -5.54 12.81 -31.60
N MET A 138 -4.59 12.57 -30.70
CA MET A 138 -3.36 13.35 -30.68
C MET A 138 -2.48 13.02 -31.89
N ALA A 139 -2.39 11.75 -32.27
CA ALA A 139 -1.74 11.36 -33.52
C ALA A 139 -2.42 10.10 -34.02
N GLN A 140 -2.97 10.17 -35.23
CA GLN A 140 -3.70 9.04 -35.83
CA GLN A 140 -3.71 9.01 -35.72
C GLN A 140 -2.77 7.86 -36.09
N GLN A 141 -3.34 6.66 -36.13
CA GLN A 141 -2.53 5.44 -36.24
C GLN A 141 -3.35 4.33 -36.91
N ASN A 142 -3.99 4.66 -38.03
CA ASN A 142 -4.75 3.65 -38.75
C ASN A 142 -3.85 2.79 -39.61
N SER A 143 -2.89 3.41 -40.30
CA SER A 143 -2.01 2.73 -41.24
C SER A 143 -0.94 3.74 -41.65
N ALA A 144 -0.10 3.36 -42.63
CA ALA A 144 0.84 4.32 -43.18
C ALA A 144 0.14 5.58 -43.70
N SER A 145 -1.15 5.47 -44.04
CA SER A 145 -1.94 6.61 -44.51
C SER A 145 -2.05 7.72 -43.47
N SER A 146 -1.87 7.41 -42.19
CA SER A 146 -2.09 8.39 -41.12
C SER A 146 -0.93 9.34 -40.88
N ARG A 147 0.15 9.27 -41.66
CA ARG A 147 1.36 10.04 -41.37
C ARG A 147 1.05 11.53 -41.24
N GLY A 148 1.49 12.12 -40.13
CA GLY A 148 1.36 13.56 -39.92
C GLY A 148 -0.04 14.04 -39.62
N GLN A 149 -0.95 13.15 -39.26
CA GLN A 149 -2.34 13.51 -38.97
C GLN A 149 -2.64 13.35 -37.49
N GLY A 150 -3.39 14.31 -36.94
CA GLY A 150 -3.70 14.32 -35.52
C GLY A 150 -3.53 15.71 -34.93
N LEU A 151 -4.06 15.92 -33.72
CA LEU A 151 -4.02 17.25 -33.12
C LEU A 151 -2.60 17.76 -33.01
N PHE A 152 -1.66 16.90 -32.63
CA PHE A 152 -0.27 17.31 -32.50
C PHE A 152 0.23 18.01 -33.76
N TYR A 153 -0.11 17.46 -34.94
CA TYR A 153 0.36 18.03 -36.20
C TYR A 153 -0.42 19.27 -36.63
N GLN A 154 -1.63 19.47 -36.08
CA GLN A 154 -2.34 20.72 -36.26
C GLN A 154 -1.69 21.85 -35.47
N LEU A 155 -0.84 21.52 -34.51
CA LEU A 155 -0.02 22.50 -33.80
C LEU A 155 1.35 22.67 -34.46
N TYR A 156 2.05 21.57 -34.73
CA TYR A 156 3.45 21.61 -35.14
C TYR A 156 3.66 21.45 -36.63
N GLY A 157 2.61 21.10 -37.39
CA GLY A 157 2.75 20.88 -38.81
C GLY A 157 2.79 19.40 -39.17
N SER A 158 2.13 19.05 -40.28
CA SER A 158 2.03 17.64 -40.65
C SER A 158 3.35 17.04 -41.09
N THR A 159 4.37 17.85 -41.40
CA THR A 159 5.68 17.30 -41.74
C THR A 159 6.64 17.29 -40.57
N HIS A 160 6.17 17.61 -39.36
CA HIS A 160 7.03 17.52 -38.18
C HIS A 160 7.54 16.09 -38.02
N SER A 161 8.80 15.95 -37.57
CA SER A 161 9.41 14.62 -37.59
C SER A 161 8.88 13.69 -36.50
N ALA A 162 8.22 14.19 -35.46
CA ALA A 162 7.71 13.33 -34.40
C ALA A 162 6.91 12.16 -34.97
N SER A 163 7.27 10.95 -34.55
CA SER A 163 6.42 9.80 -34.83
C SER A 163 5.08 9.98 -34.10
N ALA A 164 4.10 9.13 -34.43
CA ALA A 164 2.85 9.20 -33.67
C ALA A 164 3.10 8.97 -32.19
N MET A 165 3.98 8.02 -31.84
CA MET A 165 4.20 7.72 -30.43
C MET A 165 4.86 8.89 -29.71
N THR A 166 5.77 9.58 -30.39
CA THR A 166 6.38 10.78 -29.81
C THR A 166 5.34 11.88 -29.62
N ALA A 167 4.47 12.07 -30.60
CA ALA A 167 3.35 13.00 -30.42
C ALA A 167 2.50 12.61 -29.21
N TRP A 168 2.23 11.31 -29.04
CA TRP A 168 1.45 10.89 -27.87
C TRP A 168 2.16 11.29 -26.58
N VAL A 169 3.48 11.07 -26.50
CA VAL A 169 4.24 11.44 -25.31
C VAL A 169 4.06 12.92 -25.03
N TRP A 170 4.20 13.73 -26.07
CA TRP A 170 4.01 15.17 -25.91
C TRP A 170 2.67 15.47 -25.26
N GLY A 171 1.61 14.78 -25.71
CA GLY A 171 0.30 14.98 -25.13
C GLY A 171 0.23 14.60 -23.65
N VAL A 172 0.86 13.48 -23.27
CA VAL A 172 0.90 13.10 -21.86
C VAL A 172 1.61 14.18 -21.06
N SER A 173 2.70 14.72 -21.60
CA SER A 173 3.41 15.76 -20.86
C SER A 173 2.54 16.99 -20.63
N ARG A 174 1.71 17.35 -21.62
CA ARG A 174 0.77 18.45 -21.45
C ARG A 174 -0.31 18.12 -20.44
N ILE A 175 -0.79 16.87 -20.42
CA ILE A 175 -1.77 16.47 -19.42
C ILE A 175 -1.21 16.66 -18.02
N ILE A 176 0.03 16.24 -17.81
CA ILE A 176 0.63 16.39 -16.48
C ILE A 176 0.87 17.86 -16.16
N ASP A 177 1.29 18.65 -17.16
CA ASP A 177 1.32 20.10 -17.01
C ASP A 177 -0.02 20.61 -16.49
N ALA A 178 -1.10 20.22 -17.16
CA ALA A 178 -2.44 20.70 -16.79
C ALA A 178 -2.81 20.26 -15.38
N LEU A 179 -2.50 19.02 -15.01
CA LEU A 179 -2.84 18.55 -13.68
C LEU A 179 -2.09 19.35 -12.61
N GLU A 180 -0.81 19.65 -12.86
CA GLU A 180 -0.04 20.42 -11.88
C GLU A 180 -0.58 21.83 -11.66
N MET A 181 -1.27 22.39 -12.66
CA MET A 181 -1.78 23.75 -12.54
C MET A 181 -3.26 23.78 -12.14
N THR A 182 -3.86 22.63 -11.83
CA THR A 182 -5.30 22.51 -11.64
C THR A 182 -5.56 21.75 -10.35
N PRO A 183 -5.55 22.44 -9.21
CA PRO A 183 -5.73 21.71 -7.94
C PRO A 183 -7.12 21.12 -7.79
N THR A 184 -8.14 21.69 -8.42
CA THR A 184 -9.47 21.13 -8.24
C THR A 184 -9.64 19.76 -8.88
N ALA A 185 -8.67 19.32 -9.68
CA ALA A 185 -8.70 17.95 -10.21
C ALA A 185 -8.40 16.93 -9.13
N GLN A 186 -7.83 17.36 -8.00
CA GLN A 186 -7.61 16.51 -6.83
C GLN A 186 -6.79 15.27 -7.17
N ILE A 187 -5.75 15.47 -7.98
CA ILE A 187 -4.82 14.41 -8.36
C ILE A 187 -3.51 14.65 -7.63
N ASN A 188 -2.93 13.58 -7.11
CA ASN A 188 -1.59 13.61 -6.55
C ASN A 188 -0.61 13.47 -7.72
N THR A 189 -0.05 14.60 -8.15
CA THR A 189 0.77 14.52 -9.36
C THR A 189 2.12 13.86 -9.12
N GLN A 190 2.44 13.51 -7.87
CA GLN A 190 3.62 12.70 -7.55
C GLN A 190 3.34 11.21 -7.66
N ARG A 191 2.12 10.82 -7.99
CA ARG A 191 1.74 9.43 -8.03
C ARG A 191 0.90 9.17 -9.30
N ILE A 192 1.52 9.42 -10.45
CA ILE A 192 0.88 9.21 -11.74
C ILE A 192 1.52 7.99 -12.40
N GLY A 193 0.69 7.06 -12.86
CA GLY A 193 1.13 5.96 -13.70
C GLY A 193 0.62 6.11 -15.13
N VAL A 194 1.12 5.25 -16.01
CA VAL A 194 0.68 5.22 -17.40
C VAL A 194 0.58 3.76 -17.84
N THR A 195 -0.43 3.46 -18.66
CA THR A 195 -0.63 2.09 -19.15
C THR A 195 -1.28 2.14 -20.52
N GLY A 196 -1.09 1.06 -21.26
CA GLY A 196 -1.76 0.86 -22.52
C GLY A 196 -1.46 -0.55 -22.99
N CYS A 197 -2.30 -1.06 -23.90
CA CYS A 197 -2.18 -2.41 -24.41
C CYS A 197 -1.92 -2.38 -25.91
N ALA A 198 -1.10 -3.31 -26.40
CA ALA A 198 -0.91 -3.54 -27.84
C ALA A 198 -0.26 -2.28 -28.42
N ARG A 199 -0.78 -1.71 -29.50
CA ARG A 199 -0.22 -0.47 -30.03
C ARG A 199 -0.12 0.58 -28.94
N ASP A 200 -1.12 0.64 -28.06
CA ASP A 200 -1.10 1.64 -26.99
C ASP A 200 -0.11 1.28 -25.88
N GLY A 201 0.31 0.01 -25.81
CA GLY A 201 1.39 -0.42 -24.94
C GLY A 201 2.74 0.03 -25.46
N LYS A 202 2.91 0.00 -26.78
CA LYS A 202 4.09 0.66 -27.33
C LYS A 202 4.09 2.12 -26.90
N GLY A 203 2.94 2.78 -27.00
CA GLY A 203 2.86 4.18 -26.62
C GLY A 203 3.16 4.40 -25.15
N ALA A 204 2.62 3.55 -24.29
CA ALA A 204 2.78 3.75 -22.85
C ALA A 204 4.24 3.62 -22.44
N LEU A 205 4.97 2.69 -23.07
CA LEU A 205 6.40 2.57 -22.77
C LEU A 205 7.16 3.83 -23.18
N MET A 206 6.87 4.37 -24.38
CA MET A 206 7.48 5.63 -24.80
C MET A 206 7.18 6.74 -23.80
N ALA A 207 5.94 6.80 -23.29
CA ALA A 207 5.56 7.85 -22.36
C ALA A 207 6.38 7.75 -21.06
N GLY A 208 6.44 6.55 -20.48
CA GLY A 208 7.21 6.40 -19.25
C GLY A 208 8.68 6.66 -19.47
N ALA A 209 9.20 6.27 -20.63
CA ALA A 209 10.63 6.50 -20.90
C ALA A 209 10.95 7.99 -20.97
N PHE A 210 10.13 8.75 -21.70
CA PHE A 210 10.48 10.13 -22.01
C PHE A 210 9.94 11.15 -21.02
N GLU A 211 8.92 10.83 -20.25
CA GLU A 211 8.29 11.79 -19.35
C GLU A 211 8.60 11.38 -17.91
N GLU A 212 9.56 12.08 -17.31
CA GLU A 212 10.12 11.69 -16.02
C GLU A 212 9.17 11.89 -14.85
N ARG A 213 8.04 12.56 -15.05
CA ARG A 213 7.08 12.72 -13.97
C ARG A 213 6.17 11.51 -13.81
N ILE A 214 6.32 10.49 -14.65
CA ILE A 214 5.54 9.26 -14.51
C ILE A 214 6.23 8.35 -13.50
N ALA A 215 5.52 8.02 -12.42
CA ALA A 215 6.10 7.24 -11.34
C ALA A 215 6.08 5.75 -11.63
N LEU A 216 5.14 5.29 -12.46
CA LEU A 216 5.01 3.87 -12.72
C LEU A 216 4.51 3.68 -14.15
N THR A 217 5.23 2.86 -14.92
CA THR A 217 4.95 2.63 -16.33
C THR A 217 4.52 1.17 -16.51
N ILE A 218 3.39 0.95 -17.18
CA ILE A 218 2.84 -0.40 -17.30
C ILE A 218 2.49 -0.73 -18.76
N PRO A 219 3.45 -1.12 -19.59
CA PRO A 219 3.12 -1.54 -20.97
C PRO A 219 2.60 -2.97 -20.97
N GLN A 220 1.50 -3.19 -21.69
CA GLN A 220 0.81 -4.47 -21.72
C GLN A 220 0.81 -5.00 -23.15
N GLU A 221 1.39 -6.20 -23.35
CA GLU A 221 1.47 -6.84 -24.68
C GLU A 221 1.86 -5.86 -25.78
N SER A 222 2.99 -5.17 -25.57
CA SER A 222 3.44 -4.13 -26.48
C SER A 222 4.20 -4.66 -27.70
N GLY A 223 4.83 -5.82 -27.58
CA GLY A 223 5.46 -6.49 -28.70
C GLY A 223 6.53 -5.68 -29.41
N SER A 224 6.64 -5.93 -30.72
CA SER A 224 7.62 -5.26 -31.56
C SER A 224 7.35 -3.76 -31.55
N GLY A 225 8.41 -2.98 -31.34
CA GLY A 225 8.29 -1.56 -31.20
C GLY A 225 7.92 -1.14 -29.81
N GLY A 226 7.67 -2.12 -28.92
CA GLY A 226 7.47 -1.90 -27.50
C GLY A 226 8.61 -2.49 -26.69
N ASP A 227 8.34 -3.48 -25.83
CA ASP A 227 9.39 -4.03 -24.98
C ASP A 227 10.18 -5.15 -25.66
N ALA A 228 9.98 -5.37 -26.96
CA ALA A 228 10.88 -6.23 -27.73
C ALA A 228 12.01 -5.39 -28.35
N CYS A 229 13.14 -6.04 -28.60
CA CYS A 229 14.30 -5.39 -29.20
C CYS A 229 14.32 -5.65 -30.70
N TRP A 230 14.70 -4.63 -31.48
CA TRP A 230 14.76 -4.79 -32.94
C TRP A 230 15.73 -5.90 -33.35
N ARG A 231 16.92 -5.91 -32.77
CA ARG A 231 17.93 -6.89 -33.14
C ARG A 231 17.46 -8.31 -32.83
N LEU A 232 16.80 -8.50 -31.69
CA LEU A 232 16.35 -9.85 -31.33
C LEU A 232 15.19 -10.30 -32.21
N SER A 233 14.31 -9.37 -32.61
CA SER A 233 13.22 -9.74 -33.49
C SER A 233 13.70 -10.08 -34.89
N LYS A 234 14.76 -9.42 -35.35
CA LYS A 234 15.36 -9.82 -36.63
C LYS A 234 15.89 -11.25 -36.55
N TYR A 235 16.57 -11.58 -35.46
CA TYR A 235 16.97 -12.96 -35.24
C TYR A 235 15.78 -13.91 -35.26
N GLU A 236 14.69 -13.54 -34.58
CA GLU A 236 13.51 -14.42 -34.57
C GLU A 236 12.98 -14.64 -35.96
N ILE A 237 12.80 -13.57 -36.74
CA ILE A 237 12.15 -13.73 -38.03
C ILE A 237 13.04 -14.50 -39.00
N ASP A 238 14.35 -14.29 -38.92
CA ASP A 238 15.28 -15.06 -39.74
C ASP A 238 15.22 -16.54 -39.42
N ASN A 239 14.82 -16.91 -38.21
CA ASN A 239 14.78 -18.31 -37.79
C ASN A 239 13.38 -18.90 -37.79
N GLY A 240 12.43 -18.26 -38.45
CA GLY A 240 11.16 -18.90 -38.76
C GLY A 240 10.00 -18.59 -37.85
N ASN A 241 10.21 -17.82 -36.78
CA ASN A 241 9.07 -17.36 -35.99
C ASN A 241 8.38 -16.24 -36.77
N GLN A 242 7.05 -16.29 -36.82
CA GLN A 242 6.29 -15.26 -37.56
C GLN A 242 6.04 -14.04 -36.66
N VAL A 243 7.14 -13.29 -36.45
CA VAL A 243 7.12 -12.13 -35.59
C VAL A 243 6.96 -10.88 -36.43
N GLN A 244 6.43 -9.84 -35.79
CA GLN A 244 6.59 -8.48 -36.27
C GLN A 244 8.02 -8.03 -36.06
N ASP A 245 8.57 -7.29 -37.05
CA ASP A 245 9.94 -6.82 -36.99
C ASP A 245 10.02 -5.39 -37.53
N ALA A 246 11.22 -4.81 -37.44
CA ALA A 246 11.43 -3.42 -37.83
C ALA A 246 11.03 -3.18 -39.28
N VAL A 247 11.38 -4.11 -40.16
CA VAL A 247 11.09 -3.90 -41.59
C VAL A 247 9.58 -3.82 -41.82
N GLU A 248 8.82 -4.71 -41.19
CA GLU A 248 7.38 -4.71 -41.43
C GLU A 248 6.71 -3.55 -40.74
N ILE A 249 7.17 -3.19 -39.54
CA ILE A 249 6.39 -2.27 -38.72
C ILE A 249 6.37 -0.87 -39.33
N VAL A 250 7.44 -0.47 -40.04
CA VAL A 250 7.43 0.89 -40.59
C VAL A 250 6.50 1.02 -41.78
N GLY A 251 6.10 -0.10 -42.41
CA GLY A 251 5.14 -0.04 -43.49
C GLY A 251 3.71 -0.19 -43.02
N GLU A 252 3.55 -0.68 -41.81
CA GLU A 252 2.23 -0.95 -41.28
C GLU A 252 1.59 0.29 -40.66
N ASN A 253 2.37 1.20 -40.09
CA ASN A 253 1.77 2.29 -39.32
C ASN A 253 2.79 3.41 -39.21
N VAL A 254 2.51 4.36 -38.31
CA VAL A 254 3.30 5.60 -38.25
C VAL A 254 3.82 5.77 -36.84
N TRP A 255 4.04 4.64 -36.16
CA TRP A 255 4.56 4.67 -34.78
C TRP A 255 6.00 5.13 -34.69
N PHE A 256 6.73 5.17 -35.81
CA PHE A 256 8.13 5.55 -35.83
C PHE A 256 8.34 6.65 -36.84
N SER A 257 9.45 7.38 -36.70
CA SER A 257 9.72 8.46 -37.63
C SER A 257 9.99 7.90 -39.03
N THR A 258 9.82 8.76 -40.03
CA THR A 258 10.16 8.35 -41.38
C THR A 258 11.66 8.04 -41.50
N ASN A 259 12.49 8.69 -40.68
CA ASN A 259 13.92 8.44 -40.77
C ASN A 259 14.26 6.99 -40.43
N PHE A 260 13.45 6.34 -39.60
CA PHE A 260 13.75 4.97 -39.19
C PHE A 260 13.75 4.03 -40.40
N ASN A 261 12.99 4.37 -41.45
CA ASN A 261 13.01 3.57 -42.66
C ASN A 261 14.44 3.39 -43.18
N ASN A 262 15.31 4.36 -42.93
CA ASN A 262 16.68 4.27 -43.42
C ASN A 262 17.52 3.26 -42.64
N TYR A 263 17.03 2.79 -41.49
CA TYR A 263 17.81 1.89 -40.65
C TYR A 263 17.23 0.50 -40.47
N VAL A 264 15.98 0.24 -40.89
CA VAL A 264 15.35 -1.03 -40.54
C VAL A 264 16.05 -2.22 -41.17
N GLN A 265 16.76 -2.04 -42.27
CA GLN A 265 17.54 -3.10 -42.88
C GLN A 265 19.01 -3.06 -42.46
N LYS A 266 19.37 -2.16 -41.56
CA LYS A 266 20.75 -1.93 -41.13
C LYS A 266 20.79 -1.79 -39.62
N LEU A 267 20.09 -2.67 -38.92
CA LEU A 267 19.92 -2.49 -37.48
C LEU A 267 21.24 -2.43 -36.70
N PRO A 268 22.29 -3.17 -37.06
CA PRO A 268 23.55 -3.06 -36.29
C PRO A 268 24.14 -1.66 -36.27
N THR A 269 23.80 -0.79 -37.24
CA THR A 269 24.32 0.57 -37.25
C THR A 269 23.54 1.51 -36.35
N VAL A 270 22.42 1.08 -35.78
CA VAL A 270 21.64 1.92 -34.88
C VAL A 270 22.24 1.85 -33.48
N PRO A 271 22.70 2.98 -32.90
CA PRO A 271 23.37 2.94 -31.59
C PRO A 271 22.41 2.89 -30.41
N GLU A 272 21.26 2.24 -30.57
CA GLU A 272 20.36 2.03 -29.46
C GLU A 272 19.51 0.82 -29.82
N ASP A 273 18.85 0.27 -28.82
CA ASP A 273 17.75 -0.66 -29.07
C ASP A 273 16.76 -0.47 -27.94
N HIS A 274 15.68 -1.25 -27.95
CA HIS A 274 14.62 -0.89 -27.02
C HIS A 274 14.92 -1.30 -25.58
N HIS A 275 16.01 -2.03 -25.32
CA HIS A 275 16.45 -2.18 -23.93
C HIS A 275 16.90 -0.85 -23.36
N LEU A 276 17.46 0.02 -24.20
CA LEU A 276 17.84 1.36 -23.74
C LEU A 276 16.61 2.25 -23.63
N LEU A 277 15.64 2.08 -24.54
CA LEU A 277 14.36 2.79 -24.39
C LEU A 277 13.74 2.47 -23.03
N ALA A 278 13.61 1.19 -22.71
CA ALA A 278 13.02 0.83 -21.42
C ALA A 278 13.86 1.37 -20.26
N ALA A 279 15.19 1.27 -20.38
CA ALA A 279 16.06 1.76 -19.32
C ALA A 279 15.92 3.26 -19.07
N MET A 280 15.38 4.02 -20.04
CA MET A 280 15.14 5.45 -19.80
C MET A 280 14.14 5.68 -18.69
N VAL A 281 13.37 4.65 -18.33
CA VAL A 281 12.47 4.78 -17.19
C VAL A 281 13.26 4.85 -15.89
N ALA A 282 14.40 4.15 -15.82
CA ALA A 282 15.19 4.14 -14.59
C ALA A 282 15.63 5.56 -14.24
N PRO A 283 15.65 5.93 -12.96
CA PRO A 283 15.44 5.07 -11.79
C PRO A 283 14.01 4.97 -11.26
N ARG A 284 13.03 5.31 -12.11
CA ARG A 284 11.62 5.15 -11.80
C ARG A 284 11.21 3.69 -12.04
N ALA A 285 9.93 3.39 -11.79
CA ALA A 285 9.45 2.01 -11.81
C ALA A 285 8.72 1.65 -13.10
N MET A 286 8.85 0.39 -13.49
CA MET A 286 8.12 -0.14 -14.63
CA MET A 286 8.15 -0.13 -14.64
C MET A 286 7.94 -1.63 -14.48
N ILE A 287 6.74 -2.10 -14.81
CA ILE A 287 6.53 -3.53 -15.02
C ILE A 287 5.80 -3.67 -16.35
N SER A 288 6.30 -4.54 -17.21
CA SER A 288 5.64 -4.80 -18.48
C SER A 288 5.19 -6.25 -18.50
N PHE A 289 4.12 -6.51 -19.25
CA PHE A 289 3.48 -7.81 -19.32
C PHE A 289 3.43 -8.28 -20.76
N GLU A 290 3.72 -9.56 -20.99
CA GLU A 290 3.76 -10.09 -22.34
C GLU A 290 3.01 -11.42 -22.40
N ASN A 291 2.71 -11.82 -23.63
CA ASN A 291 1.84 -12.95 -23.92
C ASN A 291 2.52 -13.82 -24.98
N THR A 292 2.81 -15.07 -24.65
CA THR A 292 3.56 -15.93 -25.55
C THR A 292 2.67 -16.65 -26.54
N ASP A 293 1.35 -16.48 -26.44
CA ASP A 293 0.44 -17.13 -27.39
C ASP A 293 0.58 -16.58 -28.80
N TYR A 294 1.10 -15.36 -28.97
CA TYR A 294 1.12 -14.70 -30.29
C TYR A 294 2.57 -14.43 -30.67
N LEU A 295 3.09 -15.22 -31.61
CA LEU A 295 4.46 -15.01 -32.05
C LEU A 295 4.63 -13.64 -32.68
N TRP A 296 3.56 -13.03 -33.18
CA TRP A 296 3.65 -11.66 -33.69
C TRP A 296 4.30 -10.73 -32.67
N LEU A 297 4.02 -10.95 -31.38
CA LEU A 297 4.56 -10.08 -30.35
C LEU A 297 6.06 -10.27 -30.11
N SER A 298 6.69 -11.29 -30.72
CA SER A 298 8.13 -11.54 -30.62
C SER A 298 8.52 -11.89 -29.18
N PRO A 299 8.06 -13.03 -28.67
CA PRO A 299 8.22 -13.29 -27.23
C PRO A 299 9.67 -13.37 -26.74
N MET A 300 10.54 -14.12 -27.43
CA MET A 300 11.93 -14.19 -26.97
C MET A 300 12.54 -12.79 -26.94
N SER A 301 12.21 -11.99 -27.96
CA SER A 301 12.79 -10.65 -28.05
C SER A 301 12.43 -9.80 -26.84
N SER A 302 11.16 -9.85 -26.39
CA SER A 302 10.79 -9.11 -25.19
C SER A 302 11.55 -9.61 -23.97
N PHE A 303 11.65 -10.93 -23.80
CA PHE A 303 12.33 -11.42 -22.60
C PHE A 303 13.80 -11.02 -22.60
N GLY A 304 14.49 -11.20 -23.73
CA GLY A 304 15.89 -10.83 -23.79
C GLY A 304 16.07 -9.33 -23.69
N CYS A 305 15.18 -8.57 -24.32
CA CYS A 305 15.27 -7.12 -24.30
C CYS A 305 15.11 -6.59 -22.87
N MET A 306 14.10 -7.09 -22.16
CA MET A 306 13.88 -6.58 -20.81
C MET A 306 14.94 -7.10 -19.84
N THR A 307 15.47 -8.31 -20.09
CA THR A 307 16.61 -8.79 -19.31
C THR A 307 17.81 -7.86 -19.45
N ALA A 308 18.07 -7.40 -20.68
CA ALA A 308 19.16 -6.44 -20.88
C ALA A 308 18.85 -5.10 -20.23
N ALA A 309 17.61 -4.61 -20.41
CA ALA A 309 17.23 -3.36 -19.75
C ALA A 309 17.39 -3.48 -18.23
N HIS A 310 17.08 -4.65 -17.68
CA HIS A 310 17.07 -4.85 -16.23
C HIS A 310 18.45 -4.60 -15.61
N THR A 311 19.51 -4.83 -16.37
CA THR A 311 20.86 -4.59 -15.85
C THR A 311 21.07 -3.15 -15.44
N VAL A 312 20.35 -2.21 -16.07
CA VAL A 312 20.52 -0.81 -15.67
C VAL A 312 20.00 -0.60 -14.27
N TRP A 313 18.78 -1.08 -13.99
CA TRP A 313 18.26 -1.03 -12.63
C TRP A 313 19.16 -1.78 -11.66
N GLN A 314 19.67 -2.94 -12.07
CA GLN A 314 20.58 -3.70 -11.21
C GLN A 314 21.82 -2.88 -10.87
N GLY A 315 22.42 -2.25 -11.89
CA GLY A 315 23.58 -1.41 -11.66
C GLY A 315 23.29 -0.21 -10.78
N LEU A 316 22.06 0.28 -10.81
CA LEU A 316 21.62 1.37 -9.94
C LEU A 316 21.21 0.89 -8.55
N GLY A 317 21.29 -0.41 -8.28
CA GLY A 317 20.93 -0.94 -6.99
C GLY A 317 19.44 -0.96 -6.69
N ILE A 318 18.59 -0.89 -7.72
CA ILE A 318 17.14 -0.86 -7.55
C ILE A 318 16.49 -1.85 -8.51
N ALA A 319 16.99 -3.09 -8.48
CA ALA A 319 16.50 -4.10 -9.43
C ALA A 319 14.99 -4.31 -9.27
N ASP A 320 14.48 -4.27 -8.03
CA ASP A 320 13.06 -4.51 -7.83
C ASP A 320 12.16 -3.35 -8.29
N SER A 321 12.69 -2.27 -8.85
CA SER A 321 11.83 -1.27 -9.44
C SER A 321 11.46 -1.61 -10.89
N HIS A 322 11.98 -2.71 -11.43
CA HIS A 322 11.70 -3.10 -12.82
C HIS A 322 11.18 -4.53 -12.83
N GLY A 323 9.95 -4.71 -13.31
CA GLY A 323 9.36 -6.03 -13.38
C GLY A 323 9.07 -6.45 -14.82
N PHE A 324 8.99 -7.76 -15.02
CA PHE A 324 8.60 -8.32 -16.31
C PHE A 324 7.85 -9.60 -16.01
N ALA A 325 6.68 -9.77 -16.60
CA ALA A 325 5.95 -11.02 -16.43
C ALA A 325 5.42 -11.46 -17.78
N GLN A 326 5.77 -12.68 -18.18
CA GLN A 326 5.47 -13.17 -19.52
C GLN A 326 4.85 -14.55 -19.40
N VAL A 327 3.60 -14.68 -19.85
CA VAL A 327 2.84 -15.93 -19.74
C VAL A 327 2.10 -16.18 -21.05
N GLY A 328 1.45 -17.35 -21.11
CA GLY A 328 0.57 -17.66 -22.22
C GLY A 328 -0.83 -17.99 -21.75
N GLY A 329 -1.67 -18.50 -22.65
CA GLY A 329 -2.98 -19.00 -22.26
C GLY A 329 -4.10 -17.99 -22.12
N HIS A 330 -4.04 -16.88 -22.86
CA HIS A 330 -5.16 -15.94 -22.84
C HIS A 330 -5.14 -15.11 -24.11
N ALA A 331 -6.29 -14.51 -24.41
CA ALA A 331 -6.44 -13.70 -25.61
C ALA A 331 -5.64 -12.40 -25.52
N HIS A 332 -5.34 -11.85 -26.68
CA HIS A 332 -4.60 -10.60 -26.77
C HIS A 332 -5.35 -9.48 -26.06
N CYS A 333 -4.69 -8.84 -25.10
CA CYS A 333 -5.20 -7.74 -24.28
C CYS A 333 -6.30 -8.14 -23.32
N ALA A 334 -6.59 -9.44 -23.19
CA ALA A 334 -7.36 -9.92 -22.05
C ALA A 334 -6.44 -10.03 -20.85
N TRP A 335 -6.94 -9.64 -19.68
CA TRP A 335 -6.10 -9.65 -18.49
C TRP A 335 -6.26 -10.96 -17.73
N PRO A 336 -5.19 -11.74 -17.55
CA PRO A 336 -5.31 -12.98 -16.78
C PRO A 336 -5.23 -12.70 -15.28
N SER A 337 -6.19 -13.24 -14.53
CA SER A 337 -6.20 -13.00 -13.09
C SER A 337 -4.94 -13.52 -12.42
N SER A 338 -4.23 -14.46 -13.05
CA SER A 338 -3.00 -14.98 -12.46
C SER A 338 -1.94 -13.92 -12.28
N LEU A 339 -1.98 -12.82 -13.06
CA LEU A 339 -0.97 -11.77 -12.96
C LEU A 339 -1.44 -10.57 -12.14
N THR A 340 -2.68 -10.58 -11.67
CA THR A 340 -3.15 -9.46 -10.86
C THR A 340 -2.28 -9.21 -9.64
N PRO A 341 -1.77 -10.23 -8.94
CA PRO A 341 -0.91 -9.93 -7.79
C PRO A 341 0.37 -9.20 -8.16
N GLN A 342 0.98 -9.54 -9.30
CA GLN A 342 2.18 -8.84 -9.73
C GLN A 342 1.87 -7.40 -10.12
N LEU A 343 0.77 -7.19 -10.86
CA LEU A 343 0.39 -5.82 -11.20
C LEU A 343 0.12 -5.00 -9.95
N ASN A 344 -0.66 -5.55 -9.02
CA ASN A 344 -1.02 -4.81 -7.82
C ASN A 344 0.18 -4.54 -6.93
N ALA A 345 1.17 -5.44 -6.93
CA ALA A 345 2.39 -5.17 -6.16
C ALA A 345 3.05 -3.87 -6.62
N PHE A 346 3.17 -3.68 -7.93
CA PHE A 346 3.78 -2.44 -8.42
C PHE A 346 2.88 -1.24 -8.17
N ILE A 347 1.57 -1.39 -8.37
CA ILE A 347 0.68 -0.26 -8.10
C ILE A 347 0.70 0.08 -6.61
N ASN A 348 0.57 -0.93 -5.76
CA ASN A 348 0.58 -0.71 -4.31
C ASN A 348 1.85 -0.02 -3.86
N ARG A 349 3.00 -0.48 -4.36
CA ARG A 349 4.26 0.11 -3.91
C ARG A 349 4.45 1.52 -4.45
N PHE A 350 4.29 1.70 -5.76
CA PHE A 350 4.76 2.92 -6.40
C PHE A 350 3.67 3.96 -6.59
N LEU A 351 2.40 3.58 -6.51
CA LEU A 351 1.33 4.58 -6.55
C LEU A 351 0.58 4.72 -5.23
N LEU A 352 0.53 3.68 -4.39
CA LEU A 352 -0.24 3.71 -3.16
C LEU A 352 0.63 3.74 -1.90
N ASP A 353 1.94 3.81 -2.04
CA ASP A 353 2.86 3.99 -0.90
C ASP A 353 2.73 2.86 0.11
N GLN A 354 2.45 1.65 -0.36
CA GLN A 354 2.45 0.50 0.52
C GLN A 354 3.80 -0.20 0.45
N SER A 355 4.10 -0.96 1.51
CA SER A 355 5.35 -1.70 1.59
C SER A 355 5.28 -3.02 0.85
N ALA A 356 4.82 -3.00 -0.39
CA ALA A 356 4.73 -4.21 -1.19
C ALA A 356 6.08 -4.55 -1.81
N THR A 357 6.40 -5.84 -1.85
CA THR A 357 7.60 -6.32 -2.54
C THR A 357 7.30 -6.45 -4.02
N THR A 358 8.28 -6.10 -4.85
CA THR A 358 8.04 -6.01 -6.28
C THR A 358 9.10 -6.78 -7.06
N ASN A 359 9.44 -7.98 -6.59
CA ASN A 359 10.40 -8.82 -7.29
C ASN A 359 9.64 -9.71 -8.26
N VAL A 360 9.49 -9.25 -9.50
CA VAL A 360 8.72 -9.94 -10.52
C VAL A 360 9.57 -9.98 -11.78
N PHE A 361 10.13 -11.15 -12.10
CA PHE A 361 10.84 -11.25 -13.37
C PHE A 361 10.73 -12.70 -13.84
N THR A 362 9.72 -12.97 -14.66
CA THR A 362 9.31 -14.34 -14.92
C THR A 362 8.88 -14.51 -16.36
N THR A 363 9.23 -15.67 -16.92
CA THR A 363 8.79 -16.07 -18.25
C THR A 363 8.53 -17.56 -18.23
N ASN A 364 7.70 -18.03 -19.17
CA ASN A 364 7.54 -19.46 -19.40
C ASN A 364 8.51 -20.00 -20.45
N ASN A 365 9.37 -19.14 -21.01
CA ASN A 365 10.38 -19.57 -21.99
C ASN A 365 9.75 -20.20 -23.23
N GLN A 366 8.47 -19.90 -23.49
CA GLN A 366 7.76 -20.42 -24.65
C GLN A 366 8.06 -19.52 -25.85
N PHE A 367 9.21 -19.76 -26.48
CA PHE A 367 9.76 -18.85 -27.49
C PHE A 367 9.74 -19.45 -28.90
N GLY A 368 9.13 -20.59 -29.10
CA GLY A 368 9.02 -21.15 -30.45
C GLY A 368 10.36 -21.62 -31.00
N LYS A 369 10.71 -21.14 -32.20
CA LYS A 369 11.83 -21.69 -32.95
C LYS A 369 13.18 -21.12 -32.55
N VAL A 370 13.25 -20.33 -31.49
CA VAL A 370 14.53 -19.84 -31.01
C VAL A 370 14.58 -20.03 -29.50
N GLN A 371 15.79 -19.90 -28.96
CA GLN A 371 15.99 -19.80 -27.52
C GLN A 371 16.64 -18.46 -27.19
N TRP A 372 16.58 -18.10 -25.91
CA TRP A 372 17.30 -16.94 -25.40
C TRP A 372 18.65 -17.41 -24.89
N ASN A 373 19.72 -16.80 -25.42
CA ASN A 373 21.10 -17.12 -25.04
C ASN A 373 21.76 -15.80 -24.69
N ALA A 374 21.82 -15.49 -23.39
CA ALA A 374 22.20 -14.14 -22.99
C ALA A 374 23.62 -13.80 -23.43
N ALA A 375 24.52 -14.78 -23.45
CA ALA A 375 25.89 -14.53 -23.87
C ALA A 375 25.98 -14.16 -25.34
N ASN A 376 24.96 -14.47 -26.14
CA ASN A 376 24.97 -14.08 -27.55
C ASN A 376 24.45 -12.67 -27.79
N TRP A 377 23.95 -11.98 -26.75
CA TRP A 377 23.31 -10.68 -26.96
C TRP A 377 23.77 -9.62 -25.98
N ILE A 378 24.01 -10.00 -24.73
CA ILE A 378 24.44 -9.08 -23.69
C ILE A 378 25.94 -9.27 -23.50
N THR A 379 26.73 -8.28 -23.90
CA THR A 379 28.18 -8.38 -23.86
C THR A 379 28.80 -7.68 -22.68
N TRP A 380 28.03 -6.93 -21.91
CA TRP A 380 28.59 -6.13 -20.83
C TRP A 380 28.40 -6.84 -19.50
N THR A 381 29.34 -6.62 -18.60
CA THR A 381 29.09 -6.92 -17.21
C THR A 381 28.34 -5.73 -16.59
N THR A 382 27.68 -5.98 -15.47
CA THR A 382 26.90 -4.92 -14.85
C THR A 382 27.74 -4.23 -13.79
N PRO A 383 28.02 -2.93 -13.91
CA PRO A 383 28.80 -2.26 -12.88
C PRO A 383 27.91 -1.88 -11.70
N THR A 384 28.55 -1.74 -10.54
CA THR A 384 27.86 -1.20 -9.37
C THR A 384 28.06 0.31 -9.40
N LEU A 385 27.08 1.03 -9.93
CA LEU A 385 27.19 2.49 -10.01
C LEU A 385 27.19 3.09 -8.62
N THR A 386 28.06 4.06 -8.40
CA THR A 386 28.31 4.53 -7.04
C THR A 386 27.59 5.84 -6.73
N GLY B 7 11.17 15.25 20.11
CA GLY B 7 10.64 14.91 21.41
C GLY B 7 11.68 14.35 22.37
N ALA B 8 11.25 14.05 23.61
CA ALA B 8 12.11 13.47 24.64
C ALA B 8 12.41 11.99 24.39
N CYS B 9 11.80 11.40 23.37
CA CYS B 9 12.13 10.05 22.94
C CYS B 9 12.92 10.04 21.64
N GLY B 10 13.36 11.21 21.18
CA GLY B 10 14.01 11.30 19.91
C GLY B 10 13.06 10.91 18.79
N ALA B 11 13.66 10.70 17.63
CA ALA B 11 12.91 10.20 16.48
C ALA B 11 12.61 8.72 16.70
N ILE B 12 11.35 8.41 16.97
CA ILE B 12 10.99 7.01 17.15
C ILE B 12 10.92 6.34 15.78
N ALA B 13 11.35 5.08 15.74
CA ALA B 13 11.31 4.29 14.52
C ALA B 13 9.88 3.89 14.20
N SER B 14 9.48 4.04 12.94
CA SER B 14 8.24 3.44 12.47
C SER B 14 8.47 2.22 11.60
N THR B 15 9.71 1.97 11.15
CA THR B 15 10.05 0.75 10.44
C THR B 15 11.36 0.20 10.99
N VAL B 16 11.57 -1.10 10.78
CA VAL B 16 12.85 -1.75 11.07
C VAL B 16 13.18 -2.63 9.88
N PRO B 17 13.82 -2.10 8.85
CA PRO B 17 13.90 -2.82 7.56
C PRO B 17 14.66 -4.13 7.63
N ASN B 18 15.68 -4.22 8.46
CA ASN B 18 16.52 -5.40 8.51
C ASN B 18 16.01 -6.47 9.47
N TYR B 19 14.82 -6.27 10.06
CA TYR B 19 14.39 -7.14 11.15
C TYR B 19 14.07 -8.54 10.63
N ASN B 20 14.46 -9.54 11.41
CA ASN B 20 14.19 -10.92 11.01
C ASN B 20 14.37 -11.78 12.25
N ASN B 21 13.27 -12.10 12.92
CA ASN B 21 13.30 -12.79 14.21
C ASN B 21 12.11 -13.72 14.22
N ALA B 22 12.37 -15.03 14.17
CA ALA B 22 11.28 -16.00 14.18
C ALA B 22 10.64 -16.13 15.55
N LYS B 23 11.33 -15.73 16.61
CA LYS B 23 10.75 -15.77 17.93
C LYS B 23 10.14 -14.40 18.26
N LEU B 24 9.63 -14.23 19.48
CA LEU B 24 8.89 -13.01 19.78
C LEU B 24 9.83 -11.83 19.93
N PRO B 25 9.51 -10.69 19.31
CA PRO B 25 10.34 -9.49 19.52
C PRO B 25 10.49 -9.14 21.00
N ASP B 26 11.68 -8.63 21.32
CA ASP B 26 12.07 -8.33 22.69
C ASP B 26 11.46 -7.01 23.13
N PRO B 27 10.60 -6.98 24.15
CA PRO B 27 10.00 -5.70 24.54
C PRO B 27 11.03 -4.71 25.02
N PHE B 28 12.15 -5.20 25.53
CA PHE B 28 13.06 -4.38 26.31
C PHE B 28 14.26 -3.88 25.52
N THR B 29 14.22 -3.96 24.20
CA THR B 29 15.27 -3.37 23.38
C THR B 29 14.61 -2.49 22.33
N PHE B 30 15.06 -1.24 22.26
CA PHE B 30 14.57 -0.34 21.22
C PHE B 30 15.00 -0.83 19.84
N ALA B 31 14.32 -0.31 18.82
CA ALA B 31 14.69 -0.61 17.44
C ALA B 31 16.17 -0.35 17.19
N ASN B 32 16.72 0.72 17.78
CA ASN B 32 18.10 1.12 17.56
C ASN B 32 19.11 0.32 18.38
N GLY B 33 18.67 -0.69 19.10
CA GLY B 33 19.54 -1.52 19.90
C GLY B 33 19.74 -1.05 21.32
N THR B 34 19.26 0.13 21.68
CA THR B 34 19.38 0.60 23.07
C THR B 34 18.52 -0.27 23.97
N ALA B 35 19.10 -0.71 25.09
CA ALA B 35 18.34 -1.51 26.04
C ALA B 35 17.55 -0.62 26.99
N LEU B 36 16.29 -0.97 27.23
CA LEU B 36 15.49 -0.25 28.23
C LEU B 36 16.06 -0.47 29.63
N ARG B 37 16.09 0.62 30.41
CA ARG B 37 16.61 0.56 31.77
C ARG B 37 15.64 1.16 32.80
N THR B 38 14.92 2.21 32.42
CA THR B 38 14.07 2.93 33.37
C THR B 38 12.60 2.78 33.02
N LYS B 39 11.75 3.14 33.97
CA LYS B 39 10.31 3.20 33.69
C LYS B 39 9.98 4.30 32.69
N ALA B 40 10.71 5.41 32.73
CA ALA B 40 10.55 6.42 31.68
C ALA B 40 10.89 5.84 30.31
N ASP B 41 11.86 4.92 30.25
CA ASP B 41 12.17 4.29 28.97
C ASP B 41 10.96 3.58 28.40
N TRP B 42 10.13 2.99 29.26
CA TRP B 42 8.96 2.27 28.74
C TRP B 42 8.03 3.23 28.00
N SER B 43 7.88 4.46 28.49
CA SER B 43 7.04 5.44 27.80
C SER B 43 7.51 5.62 26.36
N CYS B 44 8.82 5.74 26.17
CA CYS B 44 9.36 5.93 24.82
C CYS B 44 9.24 4.68 23.98
N ARG B 45 9.49 3.51 24.59
CA ARG B 45 9.35 2.25 23.86
C ARG B 45 7.90 2.01 23.47
N ARG B 46 6.97 2.35 24.36
CA ARG B 46 5.55 2.27 24.00
C ARG B 46 5.26 3.11 22.77
N ALA B 47 5.82 4.33 22.70
CA ALA B 47 5.57 5.20 21.55
C ALA B 47 6.16 4.61 20.28
N GLU B 48 7.33 3.96 20.38
CA GLU B 48 7.91 3.27 19.24
C GLU B 48 7.04 2.09 18.81
N ILE B 49 6.58 1.29 19.79
CA ILE B 49 5.71 0.15 19.46
C ILE B 49 4.45 0.62 18.78
N SER B 50 3.86 1.71 19.26
CA SER B 50 2.69 2.28 18.61
C SER B 50 2.97 2.58 17.14
N ALA B 51 4.10 3.25 16.86
CA ALA B 51 4.45 3.59 15.48
C ALA B 51 4.67 2.34 14.65
N LEU B 52 5.31 1.32 15.22
CA LEU B 52 5.56 0.10 14.46
C LEU B 52 4.25 -0.63 14.16
N ILE B 53 3.35 -0.72 15.13
CA ILE B 53 2.10 -1.41 14.89
C ILE B 53 1.27 -0.67 13.85
N GLN B 54 1.25 0.65 13.90
CA GLN B 54 0.54 1.41 12.87
C GLN B 54 1.15 1.17 11.49
N ASN B 55 2.48 1.10 11.43
CA ASN B 55 3.13 0.96 10.13
C ASN B 55 2.93 -0.43 9.54
N TYR B 56 2.99 -1.47 10.39
CA TYR B 56 2.97 -2.83 9.86
C TYR B 56 1.57 -3.43 9.77
N GLU B 57 0.66 -3.14 10.71
CA GLU B 57 -0.60 -3.88 10.69
C GLU B 57 -1.86 -3.06 10.96
N ALA B 58 -1.78 -1.85 11.54
CA ALA B 58 -2.98 -1.14 11.97
C ALA B 58 -3.34 0.09 11.14
N GLY B 59 -2.42 0.64 10.34
CA GLY B 59 -2.68 1.89 9.66
C GLY B 59 -2.60 3.07 10.59
N THR B 60 -2.85 4.26 10.03
CA THR B 60 -2.65 5.52 10.75
C THR B 60 -3.84 5.86 11.64
N LEU B 61 -3.58 6.10 12.92
CA LEU B 61 -4.61 6.54 13.86
C LEU B 61 -4.63 8.07 13.85
N PRO B 62 -5.63 8.72 13.24
CA PRO B 62 -5.65 10.19 13.25
C PRO B 62 -5.83 10.72 14.66
N PRO B 63 -5.37 11.93 14.93
CA PRO B 63 -5.59 12.54 16.25
C PRO B 63 -6.96 13.19 16.31
N LYS B 64 -7.26 13.77 17.46
CA LYS B 64 -8.52 14.48 17.63
C LYS B 64 -8.71 15.48 16.50
N PRO B 65 -9.88 15.52 15.86
CA PRO B 65 -10.11 16.46 14.76
C PRO B 65 -10.61 17.79 15.29
N PRO B 66 -10.73 18.80 14.42
CA PRO B 66 -11.07 20.14 14.91
C PRO B 66 -12.49 20.25 15.45
N VAL B 67 -13.43 19.42 15.02
CA VAL B 67 -14.82 19.50 15.45
C VAL B 67 -15.19 18.25 16.23
N VAL B 68 -15.63 18.44 17.48
CA VAL B 68 -16.19 17.38 18.33
C VAL B 68 -17.13 18.04 19.32
N THR B 69 -18.43 17.84 19.14
CA THR B 69 -19.45 18.39 20.03
C THR B 69 -20.40 17.27 20.45
N ALA B 70 -21.16 17.54 21.51
CA ALA B 70 -22.05 16.51 22.03
C ALA B 70 -23.09 17.14 22.96
N SER B 71 -24.33 16.68 22.82
CA SER B 71 -25.41 16.98 23.75
C SER B 71 -25.89 15.67 24.38
N PHE B 72 -26.67 15.79 25.45
CA PHE B 72 -27.09 14.64 26.23
C PHE B 72 -28.56 14.73 26.58
N SER B 73 -29.27 13.62 26.45
CA SER B 73 -30.66 13.50 26.87
C SER B 73 -30.84 12.19 27.63
N LYS B 74 -31.61 12.24 28.70
CA LYS B 74 -31.81 11.09 29.59
C LYS B 74 -33.29 10.75 29.67
N SER B 75 -33.61 9.48 29.44
CA SER B 75 -34.98 8.99 29.53
C SER B 75 -34.97 7.72 30.35
N GLY B 76 -35.65 7.75 31.50
CA GLY B 76 -35.53 6.65 32.44
C GLY B 76 -34.08 6.56 32.93
N ASN B 77 -33.52 5.36 32.84
CA ASN B 77 -32.12 5.13 33.17
C ASN B 77 -31.26 4.94 31.93
N THR B 78 -31.64 5.55 30.81
CA THR B 78 -30.87 5.48 29.58
C THR B 78 -30.57 6.89 29.11
N GLY B 79 -29.29 7.23 29.06
CA GLY B 79 -28.84 8.49 28.51
C GLY B 79 -28.35 8.30 27.09
N THR B 80 -28.56 9.31 26.26
CA THR B 80 -28.09 9.30 24.88
C THR B 80 -27.10 10.43 24.70
N LEU B 81 -25.89 10.08 24.29
CA LEU B 81 -24.81 11.06 24.06
C LEU B 81 -24.68 11.25 22.55
N ALA B 82 -25.26 12.34 22.05
CA ALA B 82 -25.25 12.63 20.62
C ALA B 82 -23.97 13.38 20.27
N ILE B 83 -23.09 12.74 19.50
CA ILE B 83 -21.74 13.22 19.25
C ILE B 83 -21.62 13.65 17.79
N THR B 84 -21.07 14.84 17.57
CA THR B 84 -20.73 15.32 16.24
C THR B 84 -19.21 15.44 16.14
N ALA B 85 -18.65 14.91 15.07
CA ALA B 85 -17.21 14.93 14.85
C ALA B 85 -16.94 15.22 13.38
N GLY B 86 -15.91 16.00 13.11
CA GLY B 86 -15.58 16.36 11.75
C GLY B 86 -14.28 17.11 11.66
N LEU B 87 -13.74 17.16 10.44
CA LEU B 87 -12.58 17.98 10.15
C LEU B 87 -12.94 19.45 10.03
N SER B 88 -14.21 19.75 9.75
CA SER B 88 -14.72 21.12 9.72
C SER B 88 -16.23 21.04 9.96
N ASN B 89 -16.88 22.20 9.98
CA ASN B 89 -18.32 22.20 10.24
C ASN B 89 -19.14 21.77 9.03
N SER B 90 -18.58 21.83 7.83
CA SER B 90 -19.30 21.41 6.63
C SER B 90 -19.15 19.93 6.33
N GLN B 91 -18.40 19.18 7.16
CA GLN B 91 -18.11 17.78 6.90
C GLN B 91 -17.97 17.09 8.26
N THR B 92 -19.10 16.71 8.83
CA THR B 92 -19.14 16.04 10.12
C THR B 92 -19.85 14.69 9.97
N ILE B 93 -19.67 13.86 10.99
CA ILE B 93 -20.46 12.65 11.16
C ILE B 93 -21.07 12.71 12.56
N LYS B 94 -22.20 12.02 12.72
CA LYS B 94 -22.90 12.00 14.00
C LYS B 94 -23.04 10.56 14.47
N PHE B 95 -22.75 10.33 15.75
CA PHE B 95 -23.03 9.05 16.37
C PHE B 95 -23.44 9.28 17.82
N SER B 96 -24.39 8.47 18.31
CA SER B 96 -25.06 8.71 19.58
C SER B 96 -25.06 7.44 20.44
N PRO B 97 -23.95 7.15 21.11
CA PRO B 97 -23.92 6.02 22.05
C PRO B 97 -24.92 6.22 23.19
N THR B 98 -25.46 5.11 23.68
CA THR B 98 -26.39 5.14 24.80
C THR B 98 -25.69 4.63 26.05
N ILE B 99 -26.16 5.09 27.21
CA ILE B 99 -25.57 4.76 28.50
C ILE B 99 -26.66 4.22 29.42
N SER B 100 -26.44 3.04 29.97
CA SER B 100 -27.32 2.47 30.98
C SER B 100 -26.79 2.83 32.36
N TYR B 101 -27.65 3.43 33.17
CA TYR B 101 -27.24 3.97 34.48
C TYR B 101 -27.68 3.06 35.60
N PRO B 102 -26.79 2.87 36.60
CA PRO B 102 -27.23 2.19 37.82
C PRO B 102 -28.34 2.98 38.49
N SER B 103 -29.23 2.26 39.16
CA SER B 103 -30.35 2.90 39.83
C SER B 103 -29.87 3.75 40.99
N GLY B 104 -30.44 4.94 41.11
CA GLY B 104 -30.24 5.76 42.30
C GLY B 104 -29.25 6.89 42.11
N THR B 105 -28.76 7.37 43.26
CA THR B 105 -27.89 8.54 43.31
C THR B 105 -26.47 8.20 42.88
N PRO B 106 -25.87 8.97 41.98
CA PRO B 106 -24.50 8.66 41.53
C PRO B 106 -23.48 9.08 42.56
N PRO B 107 -22.27 8.52 42.50
CA PRO B 107 -21.17 9.08 43.29
C PRO B 107 -20.91 10.51 42.87
N ALA B 108 -20.15 11.23 43.71
CA ALA B 108 -20.01 12.67 43.55
C ALA B 108 -19.29 13.05 42.25
N ASN B 109 -18.35 12.22 41.80
CA ASN B 109 -17.59 12.46 40.58
C ASN B 109 -18.20 11.76 39.36
N GLY B 110 -19.37 11.17 39.51
CA GLY B 110 -20.02 10.44 38.44
C GLY B 110 -19.78 8.94 38.56
N TRP B 111 -20.57 8.18 37.82
CA TRP B 111 -20.41 6.73 37.81
C TRP B 111 -19.15 6.34 37.05
N PRO B 112 -18.39 5.36 37.54
CA PRO B 112 -17.43 4.69 36.66
C PRO B 112 -18.16 4.11 35.46
N LEU B 113 -17.42 3.90 34.38
CA LEU B 113 -18.04 3.55 33.11
C LEU B 113 -17.21 2.50 32.40
N ILE B 114 -17.89 1.52 31.81
CA ILE B 114 -17.27 0.59 30.88
C ILE B 114 -17.85 0.86 29.50
N ILE B 115 -16.99 1.26 28.58
CA ILE B 115 -17.34 1.36 27.17
C ILE B 115 -17.37 -0.06 26.61
N ALA B 116 -18.56 -0.52 26.24
CA ALA B 116 -18.76 -1.90 25.81
C ALA B 116 -19.05 -1.92 24.31
N TYR B 117 -18.10 -2.45 23.54
CA TYR B 117 -18.30 -2.57 22.10
C TYR B 117 -19.56 -3.37 21.82
N GLU B 118 -20.58 -2.70 21.26
CA GLU B 118 -21.82 -3.35 20.88
C GLU B 118 -22.47 -4.08 22.08
N GLY B 119 -22.29 -3.51 23.27
CA GLY B 119 -22.89 -4.02 24.47
C GLY B 119 -22.02 -4.95 25.28
N GLY B 120 -20.97 -5.52 24.68
CA GLY B 120 -20.09 -6.44 25.37
C GLY B 120 -20.80 -7.75 25.69
N SER B 121 -20.04 -8.68 26.27
CA SER B 121 -20.58 -9.96 26.73
C SER B 121 -20.09 -10.29 28.13
N ILE B 122 -19.78 -9.30 28.94
CA ILE B 122 -19.40 -9.56 30.33
C ILE B 122 -20.48 -9.01 31.27
N PRO B 123 -20.67 -9.61 32.43
CA PRO B 123 -21.53 -9.00 33.44
C PRO B 123 -20.86 -7.77 34.04
N ILE B 124 -21.63 -6.70 34.18
CA ILE B 124 -21.13 -5.43 34.71
C ILE B 124 -21.64 -5.31 36.14
N PRO B 125 -20.77 -5.15 37.14
CA PRO B 125 -21.22 -5.13 38.53
C PRO B 125 -21.99 -3.86 38.86
N ALA B 126 -22.81 -3.96 39.90
CA ALA B 126 -23.56 -2.81 40.37
C ALA B 126 -22.63 -1.63 40.59
N GLY B 127 -23.14 -0.43 40.35
CA GLY B 127 -22.36 0.77 40.54
C GLY B 127 -21.47 1.15 39.37
N VAL B 128 -21.55 0.43 38.26
CA VAL B 128 -20.82 0.77 37.04
C VAL B 128 -21.81 0.99 35.91
N ALA B 129 -21.71 2.13 35.25
CA ALA B 129 -22.54 2.40 34.09
C ALA B 129 -21.96 1.71 32.86
N THR B 130 -22.83 1.41 31.90
CA THR B 130 -22.43 0.73 30.66
C THR B 130 -22.80 1.58 29.46
N LEU B 131 -21.79 2.01 28.71
CA LEU B 131 -21.99 2.70 27.43
C LEU B 131 -21.91 1.70 26.30
N THR B 132 -22.93 1.66 25.45
CA THR B 132 -22.93 0.82 24.27
C THR B 132 -22.36 1.62 23.10
N TYR B 133 -21.28 1.09 22.52
CA TYR B 133 -20.60 1.70 21.39
C TYR B 133 -20.90 0.87 20.14
N SER B 134 -21.52 1.51 19.14
CA SER B 134 -21.87 0.83 17.89
C SER B 134 -20.68 0.91 16.93
N ASN B 135 -19.65 0.11 17.21
CA ASN B 135 -18.41 0.28 16.46
C ASN B 135 -18.55 -0.09 15.00
N SER B 136 -19.48 -1.01 14.67
CA SER B 136 -19.64 -1.39 13.27
C SER B 136 -20.11 -0.22 12.42
N ASP B 137 -20.84 0.72 13.03
CA ASP B 137 -21.21 1.95 12.34
C ASP B 137 -19.99 2.80 12.05
N MET B 138 -19.04 2.84 13.00
CA MET B 138 -17.83 3.65 12.82
C MET B 138 -16.95 3.08 11.72
N ALA B 139 -16.79 1.76 11.70
CA ALA B 139 -16.10 1.06 10.62
C ALA B 139 -16.75 -0.30 10.46
N GLN B 140 -17.31 -0.56 9.28
CA GLN B 140 -18.01 -1.82 9.05
C GLN B 140 -17.04 -2.99 9.02
N GLN B 141 -17.57 -4.17 9.35
CA GLN B 141 -16.73 -5.35 9.52
C GLN B 141 -17.49 -6.61 9.10
N ASN B 142 -18.14 -6.56 7.94
CA ASN B 142 -18.86 -7.73 7.46
C ASN B 142 -17.95 -8.68 6.69
N SER B 143 -17.07 -8.15 5.85
CA SER B 143 -16.17 -8.97 5.04
C SER B 143 -15.10 -8.03 4.48
N ALA B 144 -14.26 -8.55 3.59
CA ALA B 144 -13.32 -7.68 2.89
C ALA B 144 -14.03 -6.56 2.14
N SER B 145 -15.29 -6.77 1.76
CA SER B 145 -16.04 -5.75 1.04
C SER B 145 -16.31 -4.51 1.89
N SER B 146 -16.13 -4.62 3.21
CA SER B 146 -16.36 -3.51 4.12
C SER B 146 -15.23 -2.49 4.10
N ARG B 147 -14.16 -2.76 3.36
CA ARG B 147 -12.97 -1.91 3.37
C ARG B 147 -13.33 -0.46 3.09
N GLY B 148 -12.92 0.43 4.01
CA GLY B 148 -13.16 1.84 3.81
C GLY B 148 -14.60 2.28 3.94
N GLN B 149 -15.46 1.45 4.52
CA GLN B 149 -16.86 1.79 4.76
C GLN B 149 -17.09 2.04 6.25
N GLY B 150 -17.85 3.09 6.54
CA GLY B 150 -18.11 3.45 7.92
C GLY B 150 -18.00 4.95 8.13
N LEU B 151 -18.50 5.43 9.27
CA LEU B 151 -18.48 6.87 9.55
C LEU B 151 -17.06 7.43 9.49
N PHE B 152 -16.11 6.73 10.09
CA PHE B 152 -14.72 7.19 10.13
C PHE B 152 -14.21 7.51 8.72
N TYR B 153 -14.54 6.67 7.76
CA TYR B 153 -14.02 6.86 6.41
C TYR B 153 -14.77 7.94 5.64
N GLN B 154 -15.99 8.29 6.08
CA GLN B 154 -16.64 9.46 5.51
C GLN B 154 -15.86 10.72 5.80
N LEU B 155 -15.19 10.79 6.96
CA LEU B 155 -14.35 11.94 7.28
C LEU B 155 -12.99 11.86 6.60
N TYR B 156 -12.29 10.73 6.78
CA TYR B 156 -10.89 10.61 6.40
C TYR B 156 -10.69 10.00 5.03
N GLY B 157 -11.73 9.46 4.41
CA GLY B 157 -11.61 8.94 3.06
C GLY B 157 -11.65 7.43 3.02
N SER B 158 -12.28 6.88 1.99
CA SER B 158 -12.42 5.44 1.84
C SER B 158 -11.07 4.74 1.71
N THR B 159 -10.02 5.44 1.30
CA THR B 159 -8.72 4.80 1.16
C THR B 159 -7.72 5.22 2.25
N HIS B 160 -8.22 5.81 3.34
CA HIS B 160 -7.36 6.03 4.51
C HIS B 160 -6.80 4.71 5.01
N SER B 161 -5.57 4.75 5.52
CA SER B 161 -4.89 3.50 5.86
C SER B 161 -5.43 2.85 7.13
N ALA B 162 -6.10 3.60 8.01
CA ALA B 162 -6.59 3.03 9.27
C ALA B 162 -7.39 1.77 9.03
N SER B 163 -7.04 0.71 9.76
CA SER B 163 -7.86 -0.48 9.77
C SER B 163 -9.21 -0.18 10.43
N ALA B 164 -10.14 -1.13 10.32
CA ALA B 164 -11.42 -0.96 10.98
C ALA B 164 -11.23 -0.80 12.49
N MET B 165 -10.28 -1.53 13.06
CA MET B 165 -10.08 -1.47 14.50
C MET B 165 -9.43 -0.16 14.92
N THR B 166 -8.55 0.38 14.06
CA THR B 166 -7.99 1.70 14.33
C THR B 166 -9.06 2.78 14.22
N ALA B 167 -9.95 2.63 13.24
CA ALA B 167 -11.09 3.54 13.14
C ALA B 167 -11.96 3.45 14.39
N TRP B 168 -12.16 2.23 14.91
CA TRP B 168 -12.93 2.08 16.14
C TRP B 168 -12.28 2.82 17.29
N VAL B 169 -10.95 2.71 17.40
CA VAL B 169 -10.23 3.39 18.47
C VAL B 169 -10.46 4.89 18.41
N TRP B 170 -10.31 5.46 17.21
CA TRP B 170 -10.63 6.86 17.01
C TRP B 170 -12.02 7.18 17.53
N GLY B 171 -13.00 6.32 17.22
CA GLY B 171 -14.35 6.55 17.72
C GLY B 171 -14.42 6.55 19.23
N VAL B 172 -13.77 5.57 19.87
CA VAL B 172 -13.75 5.52 21.33
C VAL B 172 -13.17 6.79 21.90
N SER B 173 -12.09 7.31 21.28
CA SER B 173 -11.47 8.52 21.78
C SER B 173 -12.39 9.72 21.67
N ARG B 174 -13.23 9.76 20.63
CA ARG B 174 -14.20 10.84 20.52
C ARG B 174 -15.32 10.67 21.55
N ILE B 175 -15.63 9.43 21.94
CA ILE B 175 -16.60 9.21 23.00
C ILE B 175 -16.08 9.77 24.31
N ILE B 176 -14.81 9.49 24.63
CA ILE B 176 -14.24 10.00 25.87
C ILE B 176 -14.17 11.53 25.84
N ASP B 177 -13.84 12.10 24.67
CA ASP B 177 -13.91 13.55 24.52
C ASP B 177 -15.29 14.05 24.87
N ALA B 178 -16.33 13.41 24.31
CA ALA B 178 -17.69 13.87 24.54
C ALA B 178 -18.07 13.77 26.00
N LEU B 179 -17.71 12.66 26.66
CA LEU B 179 -18.02 12.50 28.08
C LEU B 179 -17.37 13.59 28.92
N GLU B 180 -16.13 13.98 28.57
CA GLU B 180 -15.44 15.01 29.34
C GLU B 180 -16.05 16.39 29.14
N MET B 181 -16.78 16.62 28.05
CA MET B 181 -17.43 17.91 27.82
C MET B 181 -18.91 17.89 28.16
N THR B 182 -19.40 16.83 28.82
CA THR B 182 -20.81 16.71 29.18
C THR B 182 -20.91 16.30 30.65
N PRO B 183 -20.86 17.27 31.58
CA PRO B 183 -21.07 16.92 32.99
C PRO B 183 -22.42 16.27 33.26
N THR B 184 -23.45 16.66 32.52
CA THR B 184 -24.78 16.05 32.67
C THR B 184 -24.79 14.56 32.36
N ALA B 185 -23.75 14.05 31.70
CA ALA B 185 -23.64 12.60 31.51
C ALA B 185 -23.44 11.86 32.82
N GLN B 186 -23.02 12.56 33.87
CA GLN B 186 -22.85 11.96 35.20
C GLN B 186 -21.86 10.80 35.16
N ILE B 187 -20.76 10.98 34.43
CA ILE B 187 -19.73 9.95 34.27
C ILE B 187 -18.43 10.46 34.88
N ASN B 188 -17.76 9.58 35.62
CA ASN B 188 -16.39 9.82 36.08
C ASN B 188 -15.46 9.35 34.97
N THR B 189 -14.86 10.30 34.25
CA THR B 189 -13.98 9.96 33.15
C THR B 189 -12.58 9.53 33.61
N GLN B 190 -12.35 9.46 34.92
CA GLN B 190 -11.12 8.88 35.47
C GLN B 190 -11.23 7.38 35.69
N ARG B 191 -12.42 6.81 35.48
CA ARG B 191 -12.71 5.41 35.77
C ARG B 191 -13.48 4.85 34.58
N ILE B 192 -12.79 4.76 33.44
CA ILE B 192 -13.37 4.29 32.19
C ILE B 192 -12.71 2.97 31.84
N GLY B 193 -13.52 1.93 31.64
CA GLY B 193 -13.05 0.67 31.10
C GLY B 193 -13.59 0.48 29.69
N VAL B 194 -13.05 -0.56 29.03
CA VAL B 194 -13.50 -0.93 27.70
C VAL B 194 -13.57 -2.45 27.63
N THR B 195 -14.55 -2.96 26.89
CA THR B 195 -14.70 -4.40 26.76
C THR B 195 -15.37 -4.72 25.43
N GLY B 196 -15.16 -5.95 24.99
CA GLY B 196 -15.83 -6.49 23.84
C GLY B 196 -15.51 -7.95 23.71
N CYS B 197 -16.37 -8.69 22.97
CA CYS B 197 -16.20 -10.12 22.76
C CYS B 197 -15.91 -10.43 21.31
N ALA B 198 -14.97 -11.35 21.10
CA ALA B 198 -14.65 -11.93 19.80
C ALA B 198 -14.13 -10.79 18.91
N ARG B 199 -14.69 -10.58 17.72
CA ARG B 199 -14.18 -9.49 16.89
C ARG B 199 -14.14 -8.19 17.68
N ASP B 200 -15.16 -7.95 18.49
CA ASP B 200 -15.20 -6.73 19.30
C ASP B 200 -14.23 -6.77 20.48
N GLY B 201 -13.70 -7.95 20.82
CA GLY B 201 -12.64 -8.07 21.81
C GLY B 201 -11.29 -7.72 21.21
N LYS B 202 -11.06 -8.11 19.95
CA LYS B 202 -9.94 -7.55 19.22
C LYS B 202 -10.00 -6.03 19.29
N GLY B 203 -11.19 -5.47 19.07
CA GLY B 203 -11.33 -4.03 19.11
C GLY B 203 -11.00 -3.45 20.47
N ALA B 204 -11.54 -4.07 21.53
CA ALA B 204 -11.32 -3.52 22.87
C ALA B 204 -9.84 -3.51 23.22
N LEU B 205 -9.11 -4.55 22.83
CA LEU B 205 -7.67 -4.57 23.11
C LEU B 205 -6.97 -3.43 22.38
N MET B 206 -7.34 -3.20 21.12
CA MET B 206 -6.78 -2.06 20.39
C MET B 206 -7.12 -0.74 21.07
N ALA B 207 -8.36 -0.60 21.53
CA ALA B 207 -8.75 0.64 22.21
C ALA B 207 -7.93 0.85 23.47
N GLY B 208 -7.87 -0.17 24.35
CA GLY B 208 -7.08 -0.02 25.56
C GLY B 208 -5.61 0.23 25.27
N ALA B 209 -5.07 -0.38 24.22
CA ALA B 209 -3.66 -0.17 23.87
C ALA B 209 -3.40 1.27 23.47
N PHE B 210 -4.24 1.83 22.59
CA PHE B 210 -3.92 3.09 21.94
C PHE B 210 -4.56 4.31 22.59
N GLU B 211 -5.57 4.14 23.44
CA GLU B 211 -6.25 5.26 24.10
C GLU B 211 -5.90 5.21 25.58
N GLU B 212 -5.00 6.08 26.02
CA GLU B 212 -4.49 6.00 27.39
C GLU B 212 -5.47 6.46 28.45
N ARG B 213 -6.62 7.02 28.05
CA ARG B 213 -7.61 7.42 29.05
C ARG B 213 -8.40 6.24 29.58
N ILE B 214 -8.14 5.04 29.08
CA ILE B 214 -8.85 3.85 29.50
C ILE B 214 -8.08 3.20 30.64
N ALA B 215 -8.69 3.16 31.82
CA ALA B 215 -8.02 2.64 33.01
C ALA B 215 -8.03 1.12 33.08
N LEU B 216 -9.02 0.48 32.46
CA LEU B 216 -9.13 -0.98 32.52
C LEU B 216 -9.60 -1.52 31.18
N THR B 217 -8.84 -2.47 30.64
CA THR B 217 -9.10 -3.08 29.34
C THR B 217 -9.47 -4.54 29.57
N ILE B 218 -10.58 -4.98 28.97
CA ILE B 218 -11.10 -6.33 29.23
C ILE B 218 -11.47 -7.00 27.92
N PRO B 219 -10.50 -7.55 27.18
CA PRO B 219 -10.86 -8.27 25.95
C PRO B 219 -11.34 -9.67 26.30
N GLN B 220 -12.40 -10.11 25.62
CA GLN B 220 -13.05 -11.39 25.90
C GLN B 220 -13.06 -12.25 24.65
N GLU B 221 -12.46 -13.44 24.73
CA GLU B 221 -12.36 -14.38 23.61
C GLU B 221 -12.01 -13.66 22.31
N SER B 222 -10.92 -12.88 22.34
CA SER B 222 -10.61 -12.07 21.17
C SER B 222 -9.89 -12.86 20.09
N GLY B 223 -9.14 -13.91 20.45
CA GLY B 223 -8.60 -14.81 19.45
C GLY B 223 -7.52 -14.19 18.57
N SER B 224 -7.42 -14.70 17.34
CA SER B 224 -6.40 -14.25 16.41
C SER B 224 -6.63 -12.78 16.07
N GLY B 225 -5.56 -11.98 16.12
CA GLY B 225 -5.71 -10.55 15.96
C GLY B 225 -6.09 -9.82 17.22
N GLY B 226 -6.36 -10.56 18.31
CA GLY B 226 -6.59 -10.01 19.64
C GLY B 226 -5.41 -10.35 20.54
N ASP B 227 -5.64 -11.11 21.61
CA ASP B 227 -4.55 -11.45 22.53
C ASP B 227 -3.75 -12.68 22.11
N ALA B 228 -3.98 -13.23 20.93
CA ALA B 228 -3.06 -14.21 20.35
C ALA B 228 -1.95 -13.50 19.56
N CYS B 229 -0.82 -14.19 19.43
CA CYS B 229 0.33 -13.67 18.69
C CYS B 229 0.36 -14.27 17.30
N TRP B 230 0.76 -13.45 16.32
CA TRP B 230 0.84 -13.93 14.95
C TRP B 230 1.83 -15.09 14.82
N ARG B 231 3.03 -14.95 15.41
CA ARG B 231 4.03 -15.99 15.25
C ARG B 231 3.59 -17.30 15.87
N LEU B 232 2.95 -17.24 17.04
CA LEU B 232 2.53 -18.47 17.69
C LEU B 232 1.37 -19.12 16.95
N SER B 233 0.46 -18.33 16.39
CA SER B 233 -0.63 -18.92 15.62
C SER B 233 -0.12 -19.57 14.34
N LYS B 234 0.90 -18.99 13.70
CA LYS B 234 1.54 -19.65 12.56
C LYS B 234 2.11 -21.00 12.96
N TYR B 235 2.80 -21.04 14.10
CA TYR B 235 3.27 -22.32 14.63
C TYR B 235 2.10 -23.29 14.82
N GLU B 236 1.00 -22.82 15.39
CA GLU B 236 -0.15 -23.71 15.61
C GLU B 236 -0.68 -24.28 14.31
N ILE B 237 -0.88 -23.42 13.31
CA ILE B 237 -1.52 -23.89 12.08
C ILE B 237 -0.59 -24.83 11.31
N ASP B 238 0.73 -24.66 11.47
CA ASP B 238 1.72 -25.54 10.86
C ASP B 238 1.87 -26.86 11.59
N ASN B 239 1.26 -27.02 12.77
CA ASN B 239 1.45 -28.22 13.56
C ASN B 239 0.12 -28.86 13.92
N GLY B 240 -0.88 -28.68 13.07
CA GLY B 240 -2.07 -29.50 13.07
C GLY B 240 -3.29 -28.93 13.75
N ASN B 241 -3.26 -27.69 14.22
CA ASN B 241 -4.42 -27.07 14.83
C ASN B 241 -5.09 -26.14 13.83
N GLN B 242 -6.41 -26.27 13.69
CA GLN B 242 -7.20 -25.43 12.79
C GLN B 242 -7.52 -24.10 13.47
N VAL B 243 -6.48 -23.26 13.53
CA VAL B 243 -6.60 -21.95 14.16
C VAL B 243 -6.74 -20.88 13.09
N GLN B 244 -7.20 -19.71 13.52
CA GLN B 244 -7.14 -18.52 12.70
C GLN B 244 -5.73 -17.96 12.75
N ASP B 245 -5.23 -17.48 11.61
CA ASP B 245 -3.86 -16.98 11.53
C ASP B 245 -3.82 -15.72 10.67
N ALA B 246 -2.64 -15.09 10.62
CA ALA B 246 -2.50 -13.83 9.90
C ALA B 246 -2.88 -13.96 8.43
N VAL B 247 -2.46 -15.05 7.79
CA VAL B 247 -2.72 -15.23 6.36
C VAL B 247 -4.21 -15.27 6.09
N GLU B 248 -4.97 -15.99 6.92
CA GLU B 248 -6.42 -16.10 6.68
C GLU B 248 -7.15 -14.82 7.06
N ILE B 249 -6.72 -14.14 8.14
CA ILE B 249 -7.59 -13.12 8.72
C ILE B 249 -7.69 -11.90 7.81
N VAL B 250 -6.62 -11.58 7.07
CA VAL B 250 -6.67 -10.40 6.21
C VAL B 250 -7.56 -10.61 4.99
N GLY B 251 -7.88 -11.86 4.68
CA GLY B 251 -8.77 -12.13 3.55
C GLY B 251 -10.23 -12.18 3.99
N GLU B 252 -10.45 -12.39 5.28
CA GLU B 252 -11.79 -12.57 5.84
C GLU B 252 -12.45 -11.26 6.19
N ASN B 253 -11.71 -10.24 6.59
CA ASN B 253 -12.33 -9.02 7.10
C ASN B 253 -11.34 -7.86 6.95
N VAL B 254 -11.67 -6.74 7.59
CA VAL B 254 -10.93 -5.49 7.44
C VAL B 254 -10.40 -5.00 8.78
N TRP B 255 -10.12 -5.95 9.69
CA TRP B 255 -9.62 -5.60 11.02
C TRP B 255 -8.18 -5.10 11.01
N PHE B 256 -7.47 -5.26 9.89
CA PHE B 256 -6.10 -4.80 9.79
C PHE B 256 -5.92 -3.96 8.53
N SER B 257 -4.84 -3.18 8.51
CA SER B 257 -4.56 -2.35 7.36
C SER B 257 -4.27 -3.21 6.14
N THR B 258 -4.51 -2.62 4.96
CA THR B 258 -4.17 -3.35 3.74
C THR B 258 -2.67 -3.58 3.66
N ASN B 259 -1.86 -2.70 4.27
CA ASN B 259 -0.42 -2.91 4.22
C ASN B 259 -0.02 -4.20 4.92
N PHE B 260 -0.80 -4.64 5.90
CA PHE B 260 -0.45 -5.86 6.62
C PHE B 260 -0.37 -7.06 5.67
N ASN B 261 -1.11 -7.01 4.56
CA ASN B 261 -1.05 -8.10 3.61
C ASN B 261 0.37 -8.36 3.15
N ASN B 262 1.22 -7.33 3.18
CA ASN B 262 2.58 -7.48 2.72
C ASN B 262 3.48 -8.21 3.71
N TYR B 263 2.97 -8.51 4.90
CA TYR B 263 3.77 -9.16 5.94
C TYR B 263 3.21 -10.47 6.43
N VAL B 264 1.97 -10.84 6.07
CA VAL B 264 1.35 -12.01 6.70
C VAL B 264 2.08 -13.30 6.35
N GLN B 265 2.78 -13.36 5.21
CA GLN B 265 3.60 -14.50 4.86
C GLN B 265 5.05 -14.38 5.32
N LYS B 266 5.40 -13.28 5.98
CA LYS B 266 6.77 -12.97 6.34
C LYS B 266 6.82 -12.45 7.78
N LEU B 267 6.12 -13.15 8.66
CA LEU B 267 5.96 -12.64 10.03
C LEU B 267 7.27 -12.42 10.76
N PRO B 268 8.33 -13.22 10.54
CA PRO B 268 9.58 -12.91 11.26
C PRO B 268 10.15 -11.55 10.96
N THR B 269 9.77 -10.94 9.83
CA THR B 269 10.29 -9.60 9.50
C THR B 269 9.49 -8.48 10.14
N VAL B 270 8.42 -8.79 10.87
CA VAL B 270 7.60 -7.78 11.53
C VAL B 270 8.20 -7.51 12.90
N PRO B 271 8.65 -6.28 13.20
CA PRO B 271 9.35 -6.00 14.47
C PRO B 271 8.40 -5.78 15.63
N GLU B 272 7.25 -6.45 15.60
CA GLU B 272 6.32 -6.42 16.72
C GLU B 272 5.52 -7.71 16.66
N ASP B 273 4.85 -8.03 17.77
CA ASP B 273 3.77 -8.99 17.73
C ASP B 273 2.76 -8.54 18.80
N HIS B 274 1.70 -9.31 18.97
CA HIS B 274 0.62 -8.78 19.79
C HIS B 274 0.92 -8.82 21.29
N HIS B 275 2.03 -9.43 21.69
CA HIS B 275 2.48 -9.25 23.08
C HIS B 275 2.90 -7.82 23.31
N LEU B 276 3.50 -7.17 22.29
CA LEU B 276 3.79 -5.74 22.41
C LEU B 276 2.52 -4.89 22.29
N LEU B 277 1.54 -5.32 21.50
CA LEU B 277 0.27 -4.59 21.45
C LEU B 277 -0.38 -4.58 22.82
N ALA B 278 -0.50 -5.75 23.44
CA ALA B 278 -1.06 -5.81 24.78
C ALA B 278 -0.25 -4.98 25.75
N ALA B 279 1.08 -5.04 25.65
CA ALA B 279 1.93 -4.30 26.56
C ALA B 279 1.78 -2.78 26.43
N MET B 280 1.27 -2.28 25.29
CA MET B 280 0.98 -0.85 25.21
C MET B 280 -0.02 -0.41 26.28
N VAL B 281 -0.81 -1.33 26.84
CA VAL B 281 -1.72 -0.94 27.90
C VAL B 281 -0.92 -0.54 29.15
N ALA B 282 0.21 -1.18 29.39
CA ALA B 282 1.01 -0.88 30.57
C ALA B 282 1.43 0.59 30.53
N PRO B 283 1.46 1.27 31.69
CA PRO B 283 1.22 0.74 33.04
C PRO B 283 -0.25 0.76 33.53
N ARG B 284 -1.21 0.86 32.62
CA ARG B 284 -2.61 0.74 32.99
C ARG B 284 -2.99 -0.74 33.13
N ALA B 285 -4.25 -1.02 33.43
CA ALA B 285 -4.67 -2.36 33.82
C ALA B 285 -5.39 -3.09 32.69
N MET B 286 -5.22 -4.41 32.67
CA MET B 286 -5.90 -5.23 31.68
CA MET B 286 -5.85 -5.24 31.65
C MET B 286 -6.00 -6.66 32.19
N ILE B 287 -7.17 -7.25 31.99
CA ILE B 287 -7.35 -8.68 32.15
C ILE B 287 -8.08 -9.17 30.92
N SER B 288 -7.55 -10.20 30.28
CA SER B 288 -8.22 -10.77 29.13
C SER B 288 -8.61 -12.21 29.46
N PHE B 289 -9.65 -12.68 28.79
CA PHE B 289 -10.25 -13.97 29.07
C PHE B 289 -10.32 -14.76 27.78
N GLU B 290 -9.98 -16.06 27.85
CA GLU B 290 -10.00 -16.87 26.64
C GLU B 290 -10.72 -18.18 26.91
N ASN B 291 -11.09 -18.84 25.82
CA ASN B 291 -11.94 -20.02 25.83
C ASN B 291 -11.23 -21.09 25.00
N THR B 292 -10.85 -22.20 25.64
CA THR B 292 -10.09 -23.22 24.91
C THR B 292 -11.00 -24.15 24.10
N ASP B 293 -12.33 -23.99 24.19
CA ASP B 293 -13.25 -24.82 23.40
C ASP B 293 -13.21 -24.52 21.91
N TYR B 294 -12.64 -23.39 21.50
CA TYR B 294 -12.61 -22.97 20.10
C TYR B 294 -11.17 -22.84 19.63
N LEU B 295 -10.67 -23.88 18.95
CA LEU B 295 -9.33 -23.81 18.38
C LEU B 295 -9.18 -22.64 17.42
N TRP B 296 -10.28 -22.23 16.77
CA TRP B 296 -10.21 -21.07 15.88
C TRP B 296 -9.62 -19.86 16.59
N LEU B 297 -9.82 -19.76 17.91
CA LEU B 297 -9.26 -18.65 18.69
C LEU B 297 -7.76 -18.77 18.95
N SER B 298 -7.13 -19.89 18.62
CA SER B 298 -5.69 -20.10 18.78
C SER B 298 -5.31 -20.11 20.28
N PRO B 299 -5.80 -21.08 21.03
CA PRO B 299 -5.59 -21.04 22.50
C PRO B 299 -4.14 -20.96 22.95
N MET B 300 -3.24 -21.80 22.42
CA MET B 300 -1.86 -21.76 22.89
C MET B 300 -1.26 -20.40 22.62
N SER B 301 -1.56 -19.88 21.44
CA SER B 301 -1.01 -18.58 21.06
C SER B 301 -1.40 -17.49 22.04
N SER B 302 -2.67 -17.46 22.48
CA SER B 302 -3.08 -16.46 23.45
C SER B 302 -2.32 -16.62 24.76
N PHE B 303 -2.16 -17.86 25.25
CA PHE B 303 -1.48 -18.03 26.53
C PHE B 303 -0.02 -17.61 26.42
N GLY B 304 0.69 -18.03 25.36
CA GLY B 304 2.08 -17.63 25.23
C GLY B 304 2.22 -16.15 24.96
N CYS B 305 1.30 -15.60 24.16
CA CYS B 305 1.35 -14.17 23.86
C CYS B 305 1.19 -13.34 25.12
N MET B 306 0.21 -13.69 25.97
CA MET B 306 0.01 -12.86 27.16
C MET B 306 1.06 -13.15 28.21
N THR B 307 1.63 -14.36 28.20
CA THR B 307 2.76 -14.63 29.08
C THR B 307 3.94 -13.72 28.72
N ALA B 308 4.21 -13.58 27.43
CA ALA B 308 5.27 -12.67 26.96
C ALA B 308 4.94 -11.23 27.32
N ALA B 309 3.69 -10.80 27.04
CA ALA B 309 3.28 -9.43 27.39
C ALA B 309 3.43 -9.18 28.88
N HIS B 310 3.10 -10.17 29.70
CA HIS B 310 3.13 -10.00 31.14
C HIS B 310 4.49 -9.54 31.63
N THR B 311 5.57 -9.92 30.94
CA THR B 311 6.90 -9.57 31.40
C THR B 311 7.10 -8.04 31.43
N VAL B 312 6.34 -7.30 30.62
CA VAL B 312 6.47 -5.84 30.65
C VAL B 312 5.91 -5.29 31.97
N TRP B 313 4.70 -5.71 32.34
CA TRP B 313 4.16 -5.31 33.64
C TRP B 313 5.07 -5.76 34.77
N GLN B 314 5.59 -7.00 34.68
CA GLN B 314 6.56 -7.49 35.65
C GLN B 314 7.77 -6.57 35.75
N GLY B 315 8.33 -6.19 34.59
CA GLY B 315 9.49 -5.31 34.60
C GLY B 315 9.19 -3.94 35.17
N LEU B 316 7.96 -3.48 35.06
CA LEU B 316 7.55 -2.20 35.63
C LEU B 316 7.13 -2.33 37.10
N GLY B 317 7.21 -3.51 37.69
CA GLY B 317 6.85 -3.69 39.09
C GLY B 317 5.36 -3.69 39.36
N ILE B 318 4.54 -3.96 38.35
CA ILE B 318 3.09 -3.86 38.49
C ILE B 318 2.44 -5.08 37.85
N ALA B 319 3.01 -6.26 38.14
CA ALA B 319 2.48 -7.48 37.54
C ALA B 319 1.01 -7.69 37.84
N ASP B 320 0.54 -7.27 39.02
CA ASP B 320 -0.86 -7.52 39.36
C ASP B 320 -1.82 -6.54 38.67
N SER B 321 -1.33 -5.69 37.76
CA SER B 321 -2.23 -4.92 36.92
C SER B 321 -2.57 -5.63 35.62
N HIS B 322 -2.06 -6.84 35.40
CA HIS B 322 -2.28 -7.56 34.16
C HIS B 322 -2.68 -8.98 34.51
N GLY B 323 -3.82 -9.42 34.00
CA GLY B 323 -4.33 -10.74 34.29
C GLY B 323 -4.69 -11.48 33.01
N PHE B 324 -4.69 -12.80 33.13
CA PHE B 324 -5.08 -13.67 32.03
C PHE B 324 -5.76 -14.88 32.63
N ALA B 325 -6.96 -15.21 32.17
CA ALA B 325 -7.64 -16.42 32.61
C ALA B 325 -8.17 -17.15 31.40
N GLN B 326 -7.85 -18.43 31.29
CA GLN B 326 -8.17 -19.21 30.11
C GLN B 326 -8.76 -20.53 30.58
N VAL B 327 -9.97 -20.84 30.13
CA VAL B 327 -10.71 -22.02 30.54
C VAL B 327 -11.46 -22.56 29.35
N GLY B 328 -12.01 -23.76 29.51
CA GLY B 328 -12.94 -24.29 28.55
C GLY B 328 -14.32 -24.52 29.13
N GLY B 329 -15.17 -25.25 28.42
CA GLY B 329 -16.45 -25.66 28.98
C GLY B 329 -17.57 -24.65 28.94
N HIS B 330 -17.59 -23.76 27.95
CA HIS B 330 -18.73 -22.86 27.80
C HIS B 330 -18.77 -22.32 26.38
N ALA B 331 -19.95 -21.82 26.01
CA ALA B 331 -20.19 -21.37 24.65
C ALA B 331 -19.39 -20.10 24.34
N HIS B 332 -19.21 -19.86 23.05
CA HIS B 332 -18.48 -18.67 22.58
C HIS B 332 -19.20 -17.40 23.00
N CYS B 333 -18.51 -16.56 23.77
CA CYS B 333 -18.98 -15.28 24.30
C CYS B 333 -19.99 -15.44 25.43
N ALA B 334 -20.34 -16.66 25.82
CA ALA B 334 -21.07 -16.85 27.06
C ALA B 334 -20.12 -16.67 28.24
N TRP B 335 -20.60 -16.05 29.30
CA TRP B 335 -19.74 -15.76 30.45
C TRP B 335 -19.85 -16.85 31.49
N PRO B 336 -18.76 -17.55 31.84
CA PRO B 336 -18.84 -18.59 32.88
C PRO B 336 -18.79 -17.95 34.26
N SER B 337 -19.75 -18.32 35.10
CA SER B 337 -19.79 -17.73 36.44
C SER B 337 -18.49 -17.96 37.21
N SER B 338 -17.74 -19.01 36.86
CA SER B 338 -16.51 -19.34 37.58
C SER B 338 -15.45 -18.26 37.45
N LEU B 339 -15.52 -17.43 36.40
CA LEU B 339 -14.56 -16.36 36.19
C LEU B 339 -15.05 -15.01 36.71
N THR B 340 -16.28 -14.92 37.22
CA THR B 340 -16.77 -13.65 37.72
C THR B 340 -15.92 -13.08 38.85
N PRO B 341 -15.44 -13.87 39.81
CA PRO B 341 -14.58 -13.28 40.86
C PRO B 341 -13.33 -12.63 40.31
N GLN B 342 -12.75 -13.18 39.24
CA GLN B 342 -11.57 -12.60 38.60
C GLN B 342 -11.92 -11.31 37.87
N LEU B 343 -12.99 -11.34 37.08
CA LEU B 343 -13.45 -10.12 36.43
C LEU B 343 -13.70 -9.02 37.45
N ASN B 344 -14.49 -9.34 38.49
CA ASN B 344 -14.88 -8.32 39.45
C ASN B 344 -13.70 -7.81 40.26
N ALA B 345 -12.69 -8.66 40.51
CA ALA B 345 -11.52 -8.18 41.22
C ALA B 345 -10.88 -7.02 40.48
N PHE B 346 -10.71 -7.15 39.17
CA PHE B 346 -10.11 -6.08 38.38
C PHE B 346 -11.03 -4.86 38.31
N ILE B 347 -12.33 -5.09 38.10
CA ILE B 347 -13.28 -3.96 38.08
C ILE B 347 -13.28 -3.26 39.44
N ASN B 348 -13.35 -4.03 40.52
CA ASN B 348 -13.33 -3.43 41.86
C ASN B 348 -12.09 -2.58 42.06
N ARG B 349 -10.92 -3.13 41.74
CA ARG B 349 -9.68 -2.42 42.04
C ARG B 349 -9.49 -1.21 41.14
N PHE B 350 -9.70 -1.38 39.84
CA PHE B 350 -9.27 -0.35 38.88
C PHE B 350 -10.37 0.58 38.42
N LEU B 351 -11.64 0.26 38.67
CA LEU B 351 -12.71 1.18 38.34
C LEU B 351 -13.51 1.63 39.54
N LEU B 352 -13.61 0.81 40.58
CA LEU B 352 -14.38 1.13 41.77
C LEU B 352 -13.52 1.56 42.95
N ASP B 353 -12.18 1.55 42.82
CA ASP B 353 -11.28 2.08 43.83
C ASP B 353 -11.30 1.27 45.12
N GLN B 354 -11.59 -0.02 45.02
CA GLN B 354 -11.60 -0.87 46.20
C GLN B 354 -10.26 -1.59 46.34
N SER B 355 -10.02 -2.10 47.56
CA SER B 355 -8.77 -2.79 47.89
C SER B 355 -8.97 -4.28 47.69
N ALA B 356 -8.81 -4.71 46.43
CA ALA B 356 -8.98 -6.09 46.03
C ALA B 356 -7.70 -6.60 45.40
N THR B 357 -7.37 -7.87 45.68
CA THR B 357 -6.23 -8.48 45.03
C THR B 357 -6.58 -8.84 43.59
N THR B 358 -5.56 -8.80 42.72
CA THR B 358 -5.77 -8.97 41.28
C THR B 358 -4.69 -9.86 40.68
N ASN B 359 -4.38 -10.97 41.36
CA ASN B 359 -3.40 -11.93 40.87
C ASN B 359 -4.17 -13.02 40.11
N VAL B 360 -4.15 -12.93 38.79
CA VAL B 360 -4.93 -13.83 37.93
C VAL B 360 -4.06 -14.19 36.73
N PHE B 361 -3.59 -15.43 36.68
CA PHE B 361 -2.85 -15.87 35.50
C PHE B 361 -2.92 -17.40 35.48
N THR B 362 -3.87 -17.92 34.70
CA THR B 362 -4.19 -19.34 34.79
C THR B 362 -4.60 -19.85 33.43
N THR B 363 -4.29 -21.12 33.17
CA THR B 363 -4.72 -21.78 31.95
C THR B 363 -4.84 -23.25 32.24
N ASN B 364 -5.55 -23.95 31.36
CA ASN B 364 -5.74 -25.39 31.49
C ASN B 364 -4.86 -26.18 30.54
N ASN B 365 -4.02 -25.52 29.74
CA ASN B 365 -3.12 -26.15 28.79
C ASN B 365 -3.83 -27.04 27.77
N GLN B 366 -5.13 -26.86 27.55
CA GLN B 366 -5.87 -27.70 26.59
C GLN B 366 -5.72 -27.06 25.22
N PHE B 367 -4.55 -27.28 24.63
CA PHE B 367 -4.10 -26.56 23.45
C PHE B 367 -4.15 -27.40 22.17
N GLY B 368 -4.85 -28.53 22.19
CA GLY B 368 -4.90 -29.32 20.96
C GLY B 368 -3.60 -30.07 20.71
N LYS B 369 -3.09 -29.96 19.49
CA LYS B 369 -1.93 -30.73 19.03
C LYS B 369 -0.59 -30.07 19.32
N VAL B 370 -0.59 -28.91 19.98
CA VAL B 370 0.67 -28.19 20.21
C VAL B 370 0.85 -27.98 21.71
N GLN B 371 2.08 -27.67 22.07
CA GLN B 371 2.44 -27.29 23.43
C GLN B 371 2.98 -25.87 23.41
N TRP B 372 2.93 -25.23 24.57
CA TRP B 372 3.63 -23.98 24.82
C TRP B 372 4.95 -24.29 25.51
N ASN B 373 6.05 -23.86 24.90
CA ASN B 373 7.38 -24.01 25.48
C ASN B 373 7.97 -22.61 25.49
N ALA B 374 7.99 -21.97 26.66
CA ALA B 374 8.41 -20.57 26.69
C ALA B 374 9.84 -20.38 26.20
N ALA B 375 10.70 -21.38 26.38
CA ALA B 375 12.09 -21.26 25.93
C ALA B 375 12.21 -21.15 24.41
N ASN B 376 11.22 -21.63 23.67
CA ASN B 376 11.25 -21.53 22.22
C ASN B 376 10.70 -20.21 21.70
N TRP B 377 10.25 -19.31 22.56
CA TRP B 377 9.56 -18.12 22.07
C TRP B 377 9.99 -16.85 22.76
N ILE B 378 10.21 -16.93 24.07
CA ILE B 378 10.65 -15.80 24.88
C ILE B 378 12.15 -15.94 25.07
N THR B 379 12.93 -15.03 24.47
CA THR B 379 14.37 -15.11 24.53
C THR B 379 14.98 -14.13 25.52
N TRP B 380 14.18 -13.27 26.14
CA TRP B 380 14.71 -12.20 26.97
C TRP B 380 14.52 -12.52 28.45
N THR B 381 15.45 -12.00 29.25
CA THR B 381 15.26 -11.92 30.68
C THR B 381 14.45 -10.67 31.02
N THR B 382 13.72 -10.72 32.12
CA THR B 382 12.91 -9.59 32.51
C THR B 382 13.74 -8.67 33.40
N PRO B 383 14.03 -7.44 32.96
CA PRO B 383 14.77 -6.52 33.82
C PRO B 383 13.85 -5.86 34.82
N THR B 384 14.46 -5.35 35.90
CA THR B 384 13.74 -4.49 36.83
C THR B 384 13.95 -3.04 36.38
N LEU B 385 12.94 -2.45 35.76
CA LEU B 385 13.06 -1.06 35.32
C LEU B 385 13.02 -0.12 36.53
N THR B 386 13.91 0.86 36.53
CA THR B 386 14.11 1.67 37.72
C THR B 386 13.45 3.05 37.64
C1 XYL C . -11.49 -20.71 7.52
C2 XYL C . -12.62 -20.78 6.49
C3 XYL C . -12.32 -19.79 5.37
C4 XYL C . -12.72 -18.38 5.78
C5 XYL C . -12.36 -17.45 4.61
O1 XYL C . -10.30 -21.16 6.94
O2 XYL C . -12.67 -22.07 5.96
O3 XYL C . -13.05 -20.16 4.23
O4 XYL C . -14.09 -18.34 6.05
O5 XYL C . -12.75 -16.14 4.89
H11 XYL C . -11.38 -19.79 7.81
H12 XYL C . -11.71 -21.27 8.28
H2 XYL C . -13.46 -20.55 6.90
H3 XYL C . -11.37 -19.81 5.18
H4 XYL C . -12.24 -18.09 6.58
H51 XYL C . -12.82 -17.76 3.81
H52 XYL C . -11.40 -17.48 4.46
HO1 XYL C . -9.75 -21.40 7.55
HO2 XYL C . -13.25 -22.53 6.38
HO3 XYL C . -12.54 -20.57 3.69
HO5 XYL C . -13.28 -15.86 4.28
C1 XYP C . -14.22 -17.67 7.28
C2 XYP C . -15.66 -17.16 7.38
C3 XYP C . -16.05 -16.80 8.76
C4 XYP C . -15.67 -17.82 9.79
C5 XYP C . -14.19 -18.18 9.66
O2 XYP C . -15.79 -16.01 6.55
O3 XYP C . -17.49 -16.57 8.78
O4 XYP C . -15.94 -17.23 11.05
O5 XYP C . -13.92 -18.71 8.32
H1 XYP C . -13.62 -16.92 7.38
H2 XYP C . -16.25 -17.87 7.09
H3 XYP C . -15.59 -15.98 9.02
H4 XYP C . -16.18 -18.65 9.70
H51 XYP C . -13.97 -18.86 10.32
H52 XYP C . -13.65 -17.40 9.82
HO2 XYP C . -16.56 -16.01 6.18
HO3 XYP C . -17.68 -15.97 9.34
C1 XYP C . -16.04 -18.05 12.15
C2 XYP C . -16.13 -17.31 13.47
C3 XYP C . -16.24 -18.28 14.59
C4 XYP C . -17.35 -19.25 14.37
C5 XYP C . -17.30 -19.97 13.01
O2 XYP C . -14.95 -16.53 13.66
O3 XYP C . -16.51 -17.59 15.85
O4 XYP C . -17.30 -20.25 15.38
O5 XYP C . -17.19 -18.98 11.91
H1 XYP C . -15.22 -18.58 12.15
H2 XYP C . -16.89 -16.71 13.46
H3 XYP C . -15.39 -18.73 14.69
H4 XYP C . -18.18 -18.75 14.40
H51 XYP C . -16.53 -20.56 12.97
H52 XYP C . -18.11 -20.49 12.89
HO3 XYP C . -15.98 -17.88 16.45
C7 GCV C . -13.12 -14.67 17.45
C1 GCV C . -15.09 -15.16 13.20
C2 GCV C . -13.74 -14.46 13.21
C3 GCV C . -13.18 -14.45 14.59
C4 GCV C . -14.06 -13.62 15.48
C5 GCV C . -15.42 -14.32 15.53
C6 GCV C . -16.47 -13.59 16.30
O2 GCV C . -12.98 -15.23 12.27
O3 GCV C . -11.91 -13.77 14.45
O4 GCV C . -13.49 -13.47 16.78
O5 GCV C . -16.01 -14.54 14.19
O6A GCV C . -17.29 -14.25 17.02
O6B GCV C . -16.54 -12.35 16.22
H71 GCV C . -13.31 -14.58 18.40
H72 GCV C . -12.18 -14.83 17.32
H73 GCV C . -13.62 -15.41 17.09
H1 GCV C . -15.48 -15.13 12.32
H2 GCV C . -13.77 -13.53 12.94
H3 GCV C . -13.04 -15.35 14.92
H4 GCV C . -14.15 -12.70 15.15
H5 GCV C . -15.20 -15.17 15.95
HO2 GCV C . -12.75 -14.74 11.61
HO3 GCV C . -11.45 -14.15 13.83
C1 XYP C . -18.38 -20.87 15.96
C2 XYP C . -18.38 -22.34 16.40
C3 XYP C . -19.74 -22.72 16.87
C4 XYP C . -20.22 -21.82 17.97
C5 XYP C . -20.17 -20.33 17.61
O2 XYP C . -17.95 -23.19 15.33
O3 XYP C . -19.68 -24.06 17.40
O4 XYP C . -21.57 -22.11 18.33
O5 XYP C . -18.85 -19.93 17.04
H1 XYP C . -18.97 -20.78 15.21
H2 XYP C . -17.73 -22.48 17.11
H3 XYP C . -20.37 -22.67 16.13
H4 XYP C . -19.63 -22.00 18.73
H51 XYP C . -20.32 -19.80 18.40
H52 XYP C . -20.86 -20.14 16.95
HO2 XYP C . -18.43 -23.04 14.64
HO3 XYP C . -20.41 -24.47 17.24
HO4 XYP C . -21.80 -21.62 19.00
C1 NAG D . 31.35 11.67 -22.80
C2 NAG D . 32.04 12.78 -22.00
C3 NAG D . 31.33 12.96 -20.67
C4 NAG D . 29.85 13.27 -20.94
C5 NAG D . 29.23 12.20 -21.85
C6 NAG D . 27.83 12.53 -22.29
C7 NAG D . 34.41 13.43 -21.97
C8 NAG D . 35.81 12.99 -21.72
N2 NAG D . 33.46 12.50 -21.80
O3 NAG D . 31.93 14.03 -19.95
O4 NAG D . 29.12 13.32 -19.72
O5 NAG D . 30.02 12.04 -23.04
O6 NAG D . 27.77 13.75 -23.02
O7 NAG D . 34.13 14.59 -22.30
C1 EDO E . 0.40 -5.09 -33.06
O1 EDO E . 1.81 -4.79 -33.08
C2 EDO E . -0.22 -4.56 -34.35
O2 EDO E . 0.48 -5.06 -35.48
H11 EDO E . -0.07 -4.62 -32.20
H12 EDO E . 0.26 -6.17 -32.99
HO1 EDO E . 2.21 -5.10 -32.25
H21 EDO E . -0.18 -3.46 -34.35
H22 EDO E . -1.26 -4.85 -34.40
HO2 EDO E . -0.01 -4.85 -36.29
C1 NAG F . 17.14 4.76 20.75
C2 NAG F . 17.85 6.01 21.25
C3 NAG F . 17.16 6.52 22.51
C4 NAG F . 15.68 6.76 22.22
C5 NAG F . 15.04 5.49 21.65
C6 NAG F . 13.61 5.70 21.23
C7 NAG F . 20.23 6.64 21.19
C8 NAG F . 21.63 6.23 21.52
N2 NAG F . 19.26 5.78 21.52
O3 NAG F . 17.79 7.72 22.95
O4 NAG F . 14.99 7.14 23.41
O5 NAG F . 15.76 5.06 20.50
O6 NAG F . 13.51 6.70 20.22
O7 NAG F . 19.97 7.70 20.63
#